data_9EW0
#
_entry.id   9EW0
#
_cell.length_a   85.05
_cell.length_b   92.891
_cell.length_c   129.357
_cell.angle_alpha   90
_cell.angle_beta   90
_cell.angle_gamma   90
#
_symmetry.space_group_name_H-M   'P 21 21 21'
#
loop_
_entity.id
_entity.type
_entity.pdbx_description
1 polymer 'Indoleamine 2,3-dioxygenase 1'
2 non-polymer 'PROTOPORPHYRIN IX CONTAINING FE'
3 non-polymer (~{S})-cyclohexyl(imidazo[1,5-a]pyridin-5-yl)methanol
4 water water
#
_entity_poly.entity_id   1
_entity_poly.type   'polypeptide(L)'
_entity_poly.pdbx_seq_one_letter_code
;MGSSHHHHHHSAALEVLFQGPHMWTISKEYHIDEEVGFALPNPQENLPDFYNDWMFIAKHLPDLIESGQLRERVEKLNML
SIDHLTDHKSQRLARLVLGCITMAYVWGKGHGDVRKVLPRNIAVPYCQLSKKLELPPILVYADCVLANWKKKDPNKPLTY
ENMDVLFSFRDGDCSKGFFLVSLLVEIAAASAIKVIPTVFKAMQMQERDTLLKALLEIASCLEKALQVFHQIHDHVNPKA
FFSVLRIYLSGWKGNPQLSDGLVYEGFWEDPKEFAGGSAGQSSVFQCFDVLLGIQQTAGGGHAAQFLQDMRRYMPPAHRN
FLCSLESNPSVREFVLSKGDAGLREAYDACVKALVSLRSYHLQIVTKYILIPASQQPKENKTSEDPSKLEAKGTGGTDLM
NFLKTVRSTTEKSLLKEG
;
_entity_poly.pdbx_strand_id   A,B
#
# COMPACT_ATOMS: atom_id res chain seq x y z
N THR A 25 -13.43 -3.40 22.37
CA THR A 25 -13.56 -4.52 21.44
C THR A 25 -13.20 -4.10 19.99
N ILE A 26 -12.52 -5.00 19.23
CA ILE A 26 -12.17 -4.71 17.83
C ILE A 26 -13.45 -4.80 16.97
N SER A 27 -13.64 -3.86 16.05
CA SER A 27 -14.81 -3.83 15.19
C SER A 27 -14.96 -5.11 14.37
N LYS A 28 -16.21 -5.60 14.23
CA LYS A 28 -16.51 -6.81 13.49
C LYS A 28 -16.07 -6.74 12.04
N GLU A 29 -16.06 -5.54 11.45
CA GLU A 29 -15.66 -5.34 10.05
C GLU A 29 -14.18 -5.64 9.76
N TYR A 30 -13.37 -5.91 10.79
CA TYR A 30 -11.97 -6.24 10.57
C TYR A 30 -11.74 -7.77 10.44
N HIS A 31 -12.77 -8.59 10.72
CA HIS A 31 -12.71 -10.04 10.59
C HIS A 31 -11.62 -10.64 11.43
N ILE A 32 -11.54 -10.19 12.68
CA ILE A 32 -10.59 -10.73 13.62
C ILE A 32 -11.41 -11.43 14.70
N ASP A 33 -11.12 -12.70 14.90
CA ASP A 33 -11.88 -13.52 15.83
C ASP A 33 -11.25 -13.52 17.18
N GLU A 34 -12.06 -13.49 18.23
CA GLU A 34 -11.53 -13.46 19.59
C GLU A 34 -10.72 -14.70 19.92
N GLU A 35 -11.10 -15.85 19.35
CA GLU A 35 -10.41 -17.10 19.66
C GLU A 35 -9.27 -17.41 18.71
N VAL A 36 -9.48 -17.21 17.41
CA VAL A 36 -8.47 -17.61 16.43
C VAL A 36 -7.78 -16.46 15.70
N GLY A 37 -8.17 -15.22 15.98
CA GLY A 37 -7.50 -14.03 15.45
C GLY A 37 -7.71 -13.78 13.96
N PHE A 38 -6.59 -13.69 13.21
CA PHE A 38 -6.68 -13.52 11.77
C PHE A 38 -7.14 -14.82 11.07
N ALA A 39 -7.08 -15.98 11.74
CA ALA A 39 -7.54 -17.23 11.14
C ALA A 39 -9.04 -17.18 10.85
N LEU A 40 -9.48 -17.88 9.79
CA LEU A 40 -10.89 -17.98 9.46
C LEU A 40 -11.55 -18.92 10.49
N PRO A 41 -12.49 -18.43 11.31
CA PRO A 41 -13.08 -19.31 12.33
C PRO A 41 -13.88 -20.41 11.67
N ASN A 42 -13.79 -21.67 12.18
N ASN A 42 -13.74 -21.66 12.16
CA ASN A 42 -14.52 -22.84 11.64
CA ASN A 42 -14.41 -22.87 11.65
C ASN A 42 -14.68 -22.82 10.11
C ASN A 42 -14.66 -22.85 10.12
N PRO A 43 -13.59 -23.00 9.34
CA PRO A 43 -13.74 -22.93 7.87
C PRO A 43 -14.67 -24.03 7.35
N GLN A 44 -15.30 -23.77 6.22
CA GLN A 44 -16.17 -24.72 5.54
C GLN A 44 -15.32 -25.84 4.94
N GLU A 45 -15.72 -27.12 5.09
CA GLU A 45 -14.96 -28.25 4.56
CA GLU A 45 -14.93 -28.23 4.52
C GLU A 45 -15.51 -28.75 3.21
N ASN A 46 -16.81 -28.55 2.96
CA ASN A 46 -17.43 -29.04 1.74
C ASN A 46 -18.10 -27.93 0.97
N LEU A 47 -17.99 -27.99 -0.34
CA LEU A 47 -18.65 -27.01 -1.20
C LEU A 47 -20.03 -27.61 -1.61
N PRO A 48 -21.00 -26.81 -2.12
CA PRO A 48 -22.24 -27.40 -2.64
C PRO A 48 -21.95 -28.46 -3.74
N ASP A 49 -22.81 -29.51 -3.84
CA ASP A 49 -22.68 -30.62 -4.79
C ASP A 49 -22.34 -30.18 -6.22
N PHE A 50 -22.76 -28.99 -6.60
CA PHE A 50 -22.51 -28.44 -7.93
C PHE A 50 -21.01 -28.42 -8.26
N TYR A 51 -20.15 -28.21 -7.22
CA TYR A 51 -18.70 -28.12 -7.39
C TYR A 51 -17.94 -29.42 -7.11
N ASN A 52 -18.64 -30.57 -7.10
CA ASN A 52 -18.03 -31.88 -6.81
C ASN A 52 -16.78 -32.16 -7.69
N ASP A 53 -16.78 -31.69 -8.94
CA ASP A 53 -15.66 -31.93 -9.84
C ASP A 53 -14.41 -31.15 -9.39
N TRP A 54 -14.60 -29.97 -8.80
CA TRP A 54 -13.47 -29.18 -8.27
C TRP A 54 -12.94 -29.91 -7.06
N MET A 55 -13.85 -30.26 -6.12
CA MET A 55 -13.47 -30.93 -4.87
C MET A 55 -12.75 -32.23 -5.09
N PHE A 56 -13.20 -33.03 -6.07
CA PHE A 56 -12.49 -34.29 -6.35
C PHE A 56 -11.02 -34.06 -6.70
N ILE A 57 -10.76 -33.13 -7.61
CA ILE A 57 -9.38 -32.84 -8.03
C ILE A 57 -8.51 -32.34 -6.86
N ALA A 58 -9.02 -31.35 -6.11
CA ALA A 58 -8.34 -30.72 -4.98
C ALA A 58 -8.05 -31.74 -3.87
N LYS A 59 -9.01 -32.61 -3.57
CA LYS A 59 -8.82 -33.62 -2.52
C LYS A 59 -7.82 -34.72 -2.92
N HIS A 60 -7.49 -34.83 -4.20
CA HIS A 60 -6.63 -35.94 -4.68
C HIS A 60 -5.44 -35.47 -5.44
N LEU A 61 -4.93 -34.25 -5.13
CA LEU A 61 -3.73 -33.73 -5.78
C LEU A 61 -2.54 -34.67 -5.65
N PRO A 62 -2.24 -35.23 -4.47
CA PRO A 62 -1.10 -36.15 -4.38
C PRO A 62 -1.16 -37.30 -5.39
N ASP A 63 -2.30 -37.95 -5.48
CA ASP A 63 -2.55 -39.08 -6.38
C ASP A 63 -2.60 -38.67 -7.84
N LEU A 64 -3.34 -37.62 -8.17
CA LEU A 64 -3.44 -37.16 -9.57
C LEU A 64 -2.15 -36.66 -10.16
N ILE A 65 -1.36 -35.95 -9.34
CA ILE A 65 -0.08 -35.42 -9.82
C ILE A 65 0.87 -36.58 -10.08
N GLU A 66 0.96 -37.52 -9.13
CA GLU A 66 1.91 -38.62 -9.21
C GLU A 66 1.62 -39.53 -10.40
N SER A 67 0.36 -39.76 -10.69
CA SER A 67 -0.06 -40.60 -11.81
C SER A 67 -0.08 -39.87 -13.18
N GLY A 68 0.23 -38.57 -13.21
CA GLY A 68 0.22 -37.80 -14.44
C GLY A 68 -1.17 -37.52 -14.98
N GLN A 69 -2.19 -37.60 -14.13
CA GLN A 69 -3.60 -37.41 -14.52
C GLN A 69 -4.15 -36.03 -14.16
N LEU A 70 -3.40 -35.26 -13.36
CA LEU A 70 -3.88 -33.96 -12.90
C LEU A 70 -4.28 -33.00 -14.03
N ARG A 71 -3.39 -32.74 -14.98
CA ARG A 71 -3.65 -31.74 -16.01
C ARG A 71 -4.81 -32.14 -16.92
N GLU A 72 -4.93 -33.44 -17.25
CA GLU A 72 -6.05 -33.96 -18.05
C GLU A 72 -7.38 -33.73 -17.31
N ARG A 73 -7.48 -34.11 -16.01
CA ARG A 73 -8.68 -33.89 -15.19
C ARG A 73 -9.08 -32.43 -15.18
N VAL A 74 -8.09 -31.52 -15.09
CA VAL A 74 -8.35 -30.08 -15.06
C VAL A 74 -8.89 -29.66 -16.41
N GLU A 75 -8.22 -30.04 -17.48
CA GLU A 75 -8.65 -29.70 -18.86
C GLU A 75 -10.04 -30.31 -19.22
N LYS A 76 -10.47 -31.36 -18.53
CA LYS A 76 -11.77 -31.98 -18.76
C LYS A 76 -12.92 -31.25 -18.02
N LEU A 77 -12.60 -30.31 -17.11
CA LEU A 77 -13.65 -29.60 -16.36
C LEU A 77 -14.51 -28.74 -17.25
N ASN A 78 -15.79 -28.57 -16.86
CA ASN A 78 -16.66 -27.59 -17.52
C ASN A 78 -16.56 -26.29 -16.69
N MET A 79 -16.72 -25.12 -17.34
CA MET A 79 -16.66 -23.87 -16.60
C MET A 79 -17.83 -23.75 -15.65
N LEU A 80 -17.57 -23.82 -14.33
CA LEU A 80 -18.62 -23.71 -13.35
C LEU A 80 -18.81 -22.27 -12.90
N SER A 81 -20.06 -21.85 -12.76
CA SER A 81 -20.38 -20.51 -12.30
C SER A 81 -20.06 -20.38 -10.82
N ILE A 82 -19.64 -19.19 -10.37
CA ILE A 82 -19.37 -18.98 -8.94
C ILE A 82 -20.59 -18.50 -8.16
N ASP A 83 -21.73 -18.28 -8.82
CA ASP A 83 -22.94 -17.74 -8.18
C ASP A 83 -23.55 -18.64 -7.11
N HIS A 84 -23.14 -19.91 -7.02
CA HIS A 84 -23.68 -20.81 -6.01
C HIS A 84 -22.81 -20.83 -4.71
N LEU A 85 -21.81 -19.93 -4.62
CA LEU A 85 -20.94 -19.73 -3.45
C LEU A 85 -21.47 -18.43 -2.89
N THR A 86 -22.45 -18.53 -1.99
CA THR A 86 -23.23 -17.39 -1.50
C THR A 86 -22.80 -16.72 -0.19
N ASP A 87 -21.72 -17.16 0.42
CA ASP A 87 -21.25 -16.57 1.67
C ASP A 87 -19.72 -16.60 1.71
N HIS A 88 -19.11 -15.84 2.63
CA HIS A 88 -17.67 -15.73 2.75
C HIS A 88 -16.98 -17.08 2.89
N LYS A 89 -17.43 -17.94 3.80
CA LYS A 89 -16.81 -19.22 4.02
C LYS A 89 -16.78 -20.12 2.79
N SER A 90 -17.91 -20.24 2.06
CA SER A 90 -17.91 -21.08 0.85
C SER A 90 -17.00 -20.46 -0.21
N GLN A 91 -16.96 -19.12 -0.30
CA GLN A 91 -16.08 -18.44 -1.26
C GLN A 91 -14.58 -18.63 -0.88
N ARG A 92 -14.27 -18.62 0.40
CA ARG A 92 -12.91 -18.83 0.89
C ARG A 92 -12.49 -20.27 0.62
N LEU A 93 -13.40 -21.23 0.85
CA LEU A 93 -13.12 -22.65 0.57
C LEU A 93 -12.84 -22.84 -0.91
N ALA A 94 -13.67 -22.21 -1.75
CA ALA A 94 -13.52 -22.29 -3.20
C ALA A 94 -12.20 -21.69 -3.65
N ARG A 95 -11.79 -20.54 -3.06
CA ARG A 95 -10.48 -19.89 -3.34
C ARG A 95 -9.36 -20.88 -3.02
N LEU A 96 -9.47 -21.58 -1.90
CA LEU A 96 -8.47 -22.57 -1.48
C LEU A 96 -8.40 -23.77 -2.46
N VAL A 97 -9.57 -24.31 -2.84
CA VAL A 97 -9.68 -25.41 -3.80
C VAL A 97 -9.04 -25.03 -5.14
N LEU A 98 -9.46 -23.91 -5.71
CA LEU A 98 -8.93 -23.47 -7.02
C LEU A 98 -7.44 -23.06 -6.97
N GLY A 99 -7.00 -22.51 -5.84
CA GLY A 99 -5.62 -22.10 -5.67
C GLY A 99 -4.75 -23.33 -5.60
N CYS A 100 -5.17 -24.37 -4.82
CA CYS A 100 -4.36 -25.59 -4.77
C CYS A 100 -4.31 -26.27 -6.12
N ILE A 101 -5.44 -26.28 -6.85
CA ILE A 101 -5.48 -26.88 -8.19
C ILE A 101 -4.56 -26.11 -9.14
N THR A 102 -4.58 -24.75 -9.07
CA THR A 102 -3.72 -23.94 -9.93
C THR A 102 -2.23 -24.21 -9.71
N MET A 103 -1.79 -24.33 -8.43
CA MET A 103 -0.38 -24.64 -8.14
C MET A 103 -0.03 -26.00 -8.70
N ALA A 104 -0.89 -27.01 -8.51
CA ALA A 104 -0.65 -28.36 -9.03
C ALA A 104 -0.59 -28.34 -10.55
N TYR A 105 -1.49 -27.58 -11.19
CA TYR A 105 -1.51 -27.49 -12.65
C TYR A 105 -0.24 -26.83 -13.20
N VAL A 106 0.14 -25.68 -12.64
CA VAL A 106 1.31 -24.95 -13.12
C VAL A 106 2.58 -25.74 -12.90
N TRP A 107 2.76 -26.29 -11.68
CA TRP A 107 4.02 -26.95 -11.35
C TRP A 107 4.08 -28.44 -11.66
N GLY A 108 2.93 -29.09 -11.88
CA GLY A 108 2.91 -30.51 -12.22
C GLY A 108 3.55 -31.38 -11.16
N LYS A 109 4.53 -32.19 -11.53
CA LYS A 109 5.24 -33.02 -10.56
C LYS A 109 6.32 -32.26 -9.76
N GLY A 110 6.51 -30.96 -10.03
CA GLY A 110 7.50 -30.15 -9.35
C GLY A 110 8.91 -30.40 -9.81
N HIS A 111 9.08 -30.77 -11.09
CA HIS A 111 10.43 -31.06 -11.61
C HIS A 111 10.83 -30.23 -12.81
N GLY A 112 10.07 -29.20 -13.16
CA GLY A 112 10.45 -28.32 -14.26
C GLY A 112 9.52 -28.31 -15.46
N ASP A 113 8.66 -29.33 -15.61
CA ASP A 113 7.71 -29.36 -16.72
C ASP A 113 6.56 -28.48 -16.25
N VAL A 114 6.51 -27.25 -16.73
CA VAL A 114 5.52 -26.29 -16.26
C VAL A 114 4.43 -25.96 -17.31
N ARG A 115 3.32 -25.36 -16.85
CA ARG A 115 2.26 -24.90 -17.73
C ARG A 115 2.23 -23.38 -17.61
N LYS A 116 2.21 -22.68 -18.74
CA LYS A 116 2.19 -21.21 -18.74
C LYS A 116 0.82 -20.61 -19.03
N VAL A 117 -0.20 -21.45 -19.25
CA VAL A 117 -1.56 -20.99 -19.51
C VAL A 117 -2.45 -21.79 -18.61
N LEU A 118 -3.30 -21.12 -17.83
CA LEU A 118 -4.27 -21.76 -16.95
C LEU A 118 -5.56 -21.80 -17.78
N PRO A 119 -6.13 -23.01 -17.97
CA PRO A 119 -7.32 -23.15 -18.83
C PRO A 119 -8.50 -22.33 -18.37
N ARG A 120 -9.26 -21.79 -19.31
CA ARG A 120 -10.40 -20.96 -19.00
C ARG A 120 -11.41 -21.57 -18.05
N ASN A 121 -11.62 -22.91 -18.12
CA ASN A 121 -12.60 -23.60 -17.27
C ASN A 121 -12.33 -23.37 -15.80
N ILE A 122 -11.05 -23.18 -15.40
CA ILE A 122 -10.73 -22.86 -14.01
C ILE A 122 -10.27 -21.40 -13.85
N ALA A 123 -9.53 -20.85 -14.80
CA ALA A 123 -9.04 -19.47 -14.68
C ALA A 123 -10.16 -18.45 -14.57
N VAL A 124 -11.26 -18.65 -15.30
CA VAL A 124 -12.36 -17.70 -15.25
C VAL A 124 -13.05 -17.72 -13.89
N PRO A 125 -13.57 -18.84 -13.37
CA PRO A 125 -14.20 -18.80 -12.03
C PRO A 125 -13.21 -18.40 -10.91
N TYR A 126 -11.93 -18.76 -11.07
CA TYR A 126 -10.90 -18.43 -10.08
C TYR A 126 -10.70 -16.93 -10.02
N CYS A 127 -10.53 -16.27 -11.19
CA CYS A 127 -10.36 -14.81 -11.22
C CYS A 127 -11.62 -14.06 -10.79
N GLN A 128 -12.79 -14.61 -11.09
CA GLN A 128 -14.05 -13.95 -10.69
C GLN A 128 -14.19 -13.97 -9.17
N LEU A 129 -13.89 -15.12 -8.57
CA LEU A 129 -13.99 -15.28 -7.14
C LEU A 129 -12.91 -14.44 -6.43
N SER A 130 -11.71 -14.36 -7.01
CA SER A 130 -10.62 -13.55 -6.48
C SER A 130 -11.00 -12.07 -6.52
N LYS A 131 -11.61 -11.60 -7.62
CA LYS A 131 -12.03 -10.20 -7.70
C LYS A 131 -13.08 -9.86 -6.65
N LYS A 132 -13.98 -10.78 -6.39
CA LYS A 132 -15.04 -10.64 -5.40
C LYS A 132 -14.45 -10.55 -3.99
N LEU A 133 -13.45 -11.39 -3.68
CA LEU A 133 -12.82 -11.38 -2.36
C LEU A 133 -11.67 -10.39 -2.22
N GLU A 134 -11.35 -9.62 -3.29
CA GLU A 134 -10.28 -8.64 -3.40
C GLU A 134 -8.91 -9.24 -3.09
N LEU A 135 -8.63 -10.35 -3.74
CA LEU A 135 -7.37 -11.04 -3.58
C LEU A 135 -6.87 -11.42 -4.96
N PRO A 136 -5.55 -11.60 -5.14
CA PRO A 136 -5.05 -12.01 -6.44
C PRO A 136 -5.36 -13.49 -6.74
N PRO A 137 -5.40 -13.86 -8.04
CA PRO A 137 -5.71 -15.25 -8.39
C PRO A 137 -4.49 -16.17 -8.27
N ILE A 138 -4.01 -16.32 -7.04
CA ILE A 138 -2.89 -17.19 -6.68
C ILE A 138 -3.11 -17.57 -5.22
N LEU A 139 -2.60 -18.74 -4.82
CA LEU A 139 -2.73 -19.22 -3.46
C LEU A 139 -1.93 -18.26 -2.54
N VAL A 140 -2.57 -17.71 -1.50
CA VAL A 140 -1.96 -16.82 -0.55
C VAL A 140 -2.00 -17.50 0.83
N TYR A 141 -1.25 -16.98 1.76
CA TYR A 141 -1.18 -17.45 3.15
C TYR A 141 -2.59 -17.52 3.77
N ALA A 142 -3.47 -16.56 3.48
CA ALA A 142 -4.84 -16.57 4.03
C ALA A 142 -5.66 -17.81 3.52
N ASP A 143 -5.28 -18.37 2.35
CA ASP A 143 -5.94 -19.57 1.83
C ASP A 143 -5.27 -20.81 2.44
N CYS A 144 -3.95 -21.03 2.20
CA CYS A 144 -3.27 -22.25 2.61
C CYS A 144 -3.06 -22.39 4.12
N VAL A 145 -3.12 -21.29 4.90
CA VAL A 145 -2.97 -21.42 6.36
C VAL A 145 -4.31 -21.03 7.05
N LEU A 146 -4.80 -19.82 6.82
CA LEU A 146 -5.93 -19.27 7.58
C LEU A 146 -7.28 -19.95 7.36
N ALA A 147 -7.54 -20.47 6.16
CA ALA A 147 -8.80 -21.14 5.80
C ALA A 147 -8.63 -22.67 5.57
N ASN A 148 -7.40 -23.18 5.64
CA ASN A 148 -7.09 -24.57 5.34
C ASN A 148 -7.02 -25.44 6.59
N TRP A 149 -8.12 -25.45 7.37
CA TRP A 149 -8.08 -26.22 8.60
C TRP A 149 -9.45 -26.67 9.10
N LYS A 150 -9.45 -27.62 10.02
CA LYS A 150 -10.65 -28.09 10.69
C LYS A 150 -10.27 -28.68 12.02
N LYS A 151 -11.23 -28.71 12.93
CA LYS A 151 -11.12 -29.43 14.19
C LYS A 151 -11.62 -30.87 13.84
N LYS A 152 -10.95 -31.92 14.33
CA LYS A 152 -11.40 -33.29 14.14
C LYS A 152 -12.70 -33.47 14.94
N ASP A 153 -12.68 -33.15 16.23
CA ASP A 153 -13.84 -33.19 17.12
C ASP A 153 -14.15 -31.75 17.51
N PRO A 154 -15.34 -31.24 17.17
CA PRO A 154 -15.70 -29.86 17.55
C PRO A 154 -15.84 -29.62 19.05
N ASN A 155 -15.98 -30.68 19.84
CA ASN A 155 -16.07 -30.55 21.30
C ASN A 155 -14.72 -30.57 22.01
N LYS A 156 -13.61 -30.68 21.27
CA LYS A 156 -12.29 -30.69 21.85
C LYS A 156 -11.52 -29.38 21.50
N PRO A 157 -10.50 -29.00 22.30
CA PRO A 157 -9.81 -27.73 22.05
C PRO A 157 -8.93 -27.66 20.78
N LEU A 158 -8.45 -26.46 20.46
CA LEU A 158 -7.61 -26.24 19.30
C LEU A 158 -6.19 -26.72 19.56
N THR A 159 -5.98 -28.03 19.50
CA THR A 159 -4.65 -28.61 19.67
C THR A 159 -4.30 -29.37 18.38
N TYR A 160 -2.99 -29.57 18.11
CA TYR A 160 -2.55 -30.27 16.91
C TYR A 160 -3.25 -31.64 16.72
N GLU A 161 -3.35 -32.44 17.81
CA GLU A 161 -3.98 -33.76 17.74
C GLU A 161 -5.44 -33.71 17.36
N ASN A 162 -6.13 -32.63 17.72
CA ASN A 162 -7.53 -32.46 17.37
C ASN A 162 -7.72 -31.62 16.11
N MET A 163 -6.73 -31.54 15.21
CA MET A 163 -6.86 -30.67 14.03
C MET A 163 -6.27 -31.28 12.78
N ASP A 164 -6.70 -30.76 11.64
CA ASP A 164 -6.15 -31.20 10.36
C ASP A 164 -6.25 -30.09 9.32
N VAL A 165 -5.46 -30.20 8.24
CA VAL A 165 -5.58 -29.32 7.10
C VAL A 165 -6.65 -29.89 6.17
N LEU A 166 -7.12 -29.10 5.20
CA LEU A 166 -8.10 -29.58 4.25
C LEU A 166 -7.44 -30.11 2.98
N PHE A 167 -6.31 -29.52 2.56
CA PHE A 167 -5.65 -29.90 1.33
C PHE A 167 -4.14 -29.93 1.46
N SER A 168 -3.53 -30.86 0.74
CA SER A 168 -2.07 -31.05 0.65
C SER A 168 -1.72 -31.12 -0.84
N PHE A 169 -0.41 -31.08 -1.19
CA PHE A 169 0.00 -31.18 -2.60
C PHE A 169 0.53 -32.57 -2.97
N ARG A 170 1.44 -33.10 -2.15
CA ARG A 170 2.03 -34.38 -2.41
C ARG A 170 2.12 -35.20 -1.14
N ASP A 171 2.17 -36.53 -1.30
CA ASP A 171 2.32 -37.41 -0.16
CA ASP A 171 2.33 -37.47 -0.20
C ASP A 171 3.69 -37.19 0.44
N GLY A 172 3.72 -37.02 1.75
CA GLY A 172 4.96 -36.75 2.48
C GLY A 172 5.47 -35.32 2.34
N ASP A 173 4.62 -34.36 1.91
CA ASP A 173 5.08 -32.98 1.73
C ASP A 173 5.13 -32.15 3.03
N CYS A 174 4.59 -32.67 4.13
CA CYS A 174 4.59 -31.97 5.44
C CYS A 174 3.72 -30.72 5.47
N SER A 175 2.77 -30.59 4.53
CA SER A 175 1.90 -29.44 4.50
C SER A 175 1.02 -29.40 5.73
N LYS A 176 0.63 -30.56 6.31
CA LYS A 176 -0.18 -30.54 7.53
C LYS A 176 0.64 -29.89 8.67
N GLY A 177 1.89 -30.32 8.84
CA GLY A 177 2.74 -29.80 9.90
C GLY A 177 3.04 -28.33 9.72
N PHE A 178 3.41 -27.95 8.52
CA PHE A 178 3.75 -26.56 8.22
C PHE A 178 2.57 -25.60 8.36
N PHE A 179 1.44 -25.93 7.72
CA PHE A 179 0.29 -25.03 7.75
C PHE A 179 -0.32 -25.01 9.12
N LEU A 180 -0.39 -26.16 9.81
CA LEU A 180 -1.01 -26.19 11.14
C LEU A 180 -0.18 -25.52 12.22
N VAL A 181 1.16 -25.63 12.16
CA VAL A 181 1.99 -24.96 13.16
C VAL A 181 1.92 -23.44 12.94
N SER A 182 1.85 -22.97 11.68
CA SER A 182 1.66 -21.54 11.39
C SER A 182 0.32 -21.08 11.97
N LEU A 183 -0.73 -21.90 11.77
CA LEU A 183 -2.07 -21.60 12.26
C LEU A 183 -2.08 -21.56 13.79
N LEU A 184 -1.42 -22.51 14.46
CA LEU A 184 -1.39 -22.55 15.92
C LEU A 184 -0.67 -21.34 16.51
N VAL A 185 0.31 -20.76 15.80
CA VAL A 185 0.99 -19.52 16.22
C VAL A 185 0.00 -18.34 16.04
N GLU A 186 -0.72 -18.36 14.95
CA GLU A 186 -1.74 -17.39 14.60
C GLU A 186 -2.84 -17.37 15.72
N ILE A 187 -3.20 -18.57 16.24
CA ILE A 187 -4.18 -18.72 17.31
C ILE A 187 -3.61 -18.26 18.67
N ALA A 188 -2.34 -18.61 18.95
CA ALA A 188 -1.67 -18.15 20.18
C ALA A 188 -1.59 -16.60 20.19
N ALA A 189 -1.40 -15.98 19.02
CA ALA A 189 -1.37 -14.53 18.93
C ALA A 189 -2.72 -13.86 19.18
N ALA A 190 -3.82 -14.59 19.03
CA ALA A 190 -5.17 -14.03 19.20
C ALA A 190 -5.40 -13.47 20.57
N SER A 191 -4.83 -14.10 21.61
CA SER A 191 -4.99 -13.58 22.98
C SER A 191 -4.27 -12.22 23.17
N ALA A 192 -3.28 -11.91 22.31
CA ALA A 192 -2.57 -10.64 22.36
C ALA A 192 -3.31 -9.61 21.49
N ILE A 193 -3.83 -10.02 20.33
CA ILE A 193 -4.56 -9.11 19.41
C ILE A 193 -5.74 -8.47 20.11
N LYS A 194 -6.47 -9.27 20.92
CA LYS A 194 -7.67 -8.77 21.57
C LYS A 194 -7.41 -7.66 22.60
N VAL A 195 -6.14 -7.49 23.03
CA VAL A 195 -5.78 -6.44 23.99
C VAL A 195 -5.49 -5.11 23.26
N ILE A 196 -5.29 -5.11 21.91
CA ILE A 196 -5.01 -3.88 21.15
C ILE A 196 -5.99 -2.74 21.49
N PRO A 197 -7.33 -2.91 21.49
CA PRO A 197 -8.21 -1.78 21.83
C PRO A 197 -8.00 -1.21 23.24
N THR A 198 -7.64 -2.06 24.20
CA THR A 198 -7.37 -1.63 25.58
C THR A 198 -6.16 -0.68 25.60
N VAL A 199 -5.15 -0.95 24.79
CA VAL A 199 -3.96 -0.10 24.66
C VAL A 199 -4.34 1.29 24.17
N PHE A 200 -5.11 1.38 23.07
CA PHE A 200 -5.51 2.66 22.51
C PHE A 200 -6.47 3.42 23.42
N LYS A 201 -7.34 2.72 24.11
CA LYS A 201 -8.28 3.39 25.01
C LYS A 201 -7.55 3.96 26.22
N ALA A 202 -6.55 3.23 26.76
CA ALA A 202 -5.75 3.72 27.90
C ALA A 202 -4.97 4.97 27.52
N MET A 203 -4.44 5.02 26.30
CA MET A 203 -3.71 6.20 25.83
C MET A 203 -4.63 7.41 25.67
N GLN A 204 -5.81 7.20 25.10
CA GLN A 204 -6.75 8.30 24.88
C GLN A 204 -7.28 8.82 26.22
N MET A 205 -7.56 7.92 27.15
CA MET A 205 -8.06 8.24 28.49
C MET A 205 -6.98 8.66 29.48
N GLN A 206 -5.69 8.61 29.08
CA GLN A 206 -4.55 8.92 29.92
C GLN A 206 -4.56 8.07 31.19
N GLU A 207 -4.57 6.76 30.99
CA GLU A 207 -4.62 5.79 32.06
C GLU A 207 -3.35 4.94 32.03
N ARG A 208 -2.25 5.50 32.58
CA ARG A 208 -0.93 4.87 32.61
C ARG A 208 -0.93 3.46 33.15
N ASP A 209 -1.57 3.22 34.31
CA ASP A 209 -1.54 1.87 34.90
C ASP A 209 -2.24 0.84 34.00
N THR A 210 -3.37 1.24 33.36
CA THR A 210 -4.12 0.36 32.46
C THR A 210 -3.24 0.05 31.24
N LEU A 211 -2.54 1.06 30.69
CA LEU A 211 -1.66 0.86 29.54
C LEU A 211 -0.53 -0.11 29.88
N LEU A 212 0.11 0.07 31.03
CA LEU A 212 1.21 -0.81 31.45
C LEU A 212 0.73 -2.28 31.59
N LYS A 213 -0.44 -2.48 32.24
CA LYS A 213 -0.99 -3.83 32.42
C LYS A 213 -1.26 -4.50 31.05
N ALA A 214 -1.86 -3.76 30.10
CA ALA A 214 -2.17 -4.21 28.75
C ALA A 214 -0.87 -4.56 27.98
N LEU A 215 0.18 -3.69 28.08
CA LEU A 215 1.43 -3.99 27.41
C LEU A 215 2.07 -5.28 27.95
N LEU A 216 1.98 -5.51 29.26
CA LEU A 216 2.53 -6.73 29.86
C LEU A 216 1.72 -7.99 29.49
N GLU A 217 0.40 -7.85 29.30
CA GLU A 217 -0.46 -8.96 28.89
C GLU A 217 -0.15 -9.33 27.42
N ILE A 218 0.09 -8.31 26.56
CA ILE A 218 0.48 -8.56 25.19
C ILE A 218 1.82 -9.30 25.15
N ALA A 219 2.80 -8.81 25.94
CA ALA A 219 4.12 -9.42 25.99
C ALA A 219 4.01 -10.88 26.47
N SER A 220 3.22 -11.12 27.52
CA SER A 220 3.00 -12.44 28.07
C SER A 220 2.43 -13.41 26.98
N CYS A 221 1.44 -12.95 26.21
CA CYS A 221 0.82 -13.73 25.16
C CYS A 221 1.79 -14.05 24.02
N LEU A 222 2.58 -13.06 23.59
CA LEU A 222 3.59 -13.28 22.55
C LEU A 222 4.72 -14.19 23.01
N GLU A 223 5.04 -14.18 24.31
CA GLU A 223 6.04 -15.06 24.92
C GLU A 223 5.51 -16.51 24.88
N LYS A 224 4.21 -16.71 25.13
CA LYS A 224 3.60 -18.04 25.09
C LYS A 224 3.58 -18.59 23.67
N ALA A 225 3.42 -17.72 22.67
CA ALA A 225 3.42 -18.10 21.26
C ALA A 225 4.74 -18.71 20.80
N LEU A 226 5.86 -18.38 21.48
CA LEU A 226 7.16 -18.94 21.14
C LEU A 226 7.19 -20.45 21.34
N GLN A 227 6.56 -20.93 22.41
CA GLN A 227 6.55 -22.36 22.68
C GLN A 227 5.79 -23.13 21.59
N VAL A 228 4.78 -22.50 20.98
CA VAL A 228 3.99 -23.05 19.89
C VAL A 228 4.88 -23.35 18.69
N PHE A 229 5.88 -22.51 18.41
CA PHE A 229 6.85 -22.68 17.33
C PHE A 229 7.66 -23.94 17.47
N HIS A 230 7.91 -24.40 18.72
CA HIS A 230 8.71 -25.60 18.92
C HIS A 230 8.08 -26.86 18.28
N GLN A 231 6.75 -26.88 18.10
CA GLN A 231 6.03 -28.01 17.45
C GLN A 231 6.45 -28.30 16.03
N ILE A 232 7.10 -27.33 15.36
CA ILE A 232 7.53 -27.47 13.97
C ILE A 232 8.43 -28.66 13.78
N HIS A 233 9.32 -28.92 14.75
CA HIS A 233 10.27 -30.03 14.61
C HIS A 233 9.62 -31.41 14.61
N ASP A 234 8.49 -31.55 15.29
CA ASP A 234 7.79 -32.83 15.35
C ASP A 234 6.97 -33.16 14.11
N HIS A 235 6.62 -32.16 13.32
CA HIS A 235 5.69 -32.36 12.23
C HIS A 235 6.22 -32.01 10.85
N VAL A 236 7.45 -31.49 10.74
CA VAL A 236 8.01 -31.13 9.43
C VAL A 236 9.42 -31.68 9.32
N ASN A 237 9.80 -32.24 8.15
CA ASN A 237 11.19 -32.67 7.97
C ASN A 237 11.82 -31.83 6.85
N PRO A 238 13.09 -31.43 7.03
CA PRO A 238 13.73 -30.54 6.07
C PRO A 238 13.75 -30.99 4.60
N LYS A 239 14.10 -32.24 4.32
CA LYS A 239 14.18 -32.72 2.93
C LYS A 239 12.88 -32.53 2.14
N ALA A 240 11.77 -32.98 2.71
CA ALA A 240 10.46 -32.91 2.10
C ALA A 240 9.98 -31.48 1.99
N PHE A 241 10.18 -30.69 3.04
CA PHE A 241 9.78 -29.29 3.04
C PHE A 241 10.51 -28.53 1.93
N PHE A 242 11.82 -28.73 1.83
CA PHE A 242 12.65 -28.00 0.90
C PHE A 242 12.43 -28.43 -0.52
N SER A 243 12.50 -29.73 -0.79
CA SER A 243 12.39 -30.22 -2.16
C SER A 243 10.97 -30.28 -2.70
N VAL A 244 9.94 -30.38 -1.81
CA VAL A 244 8.57 -30.52 -2.28
C VAL A 244 7.66 -29.31 -1.96
N LEU A 245 7.34 -29.06 -0.68
CA LEU A 245 6.38 -28.01 -0.33
C LEU A 245 6.76 -26.61 -0.86
N ARG A 246 8.05 -26.28 -0.79
CA ARG A 246 8.58 -25.01 -1.27
C ARG A 246 8.27 -24.82 -2.78
N ILE A 247 8.42 -25.89 -3.58
CA ILE A 247 8.15 -25.85 -5.02
C ILE A 247 6.69 -25.46 -5.32
N TYR A 248 5.73 -26.06 -4.60
CA TYR A 248 4.30 -25.87 -4.85
C TYR A 248 3.78 -24.53 -4.39
N LEU A 249 4.45 -23.92 -3.42
CA LEU A 249 4.06 -22.59 -2.97
C LEU A 249 4.69 -21.46 -3.82
N SER A 250 5.64 -21.78 -4.74
CA SER A 250 6.25 -20.76 -5.58
C SER A 250 5.24 -20.08 -6.46
N GLY A 251 5.52 -18.81 -6.77
CA GLY A 251 4.68 -18.00 -7.63
C GLY A 251 5.31 -17.73 -8.98
N TRP A 252 4.78 -16.75 -9.68
CA TRP A 252 5.25 -16.42 -11.03
C TRP A 252 5.51 -14.93 -11.09
N LYS A 253 6.34 -14.43 -10.19
CA LYS A 253 6.73 -13.01 -10.16
C LYS A 253 8.23 -13.04 -10.03
N GLY A 254 8.93 -12.55 -11.04
CA GLY A 254 10.38 -12.61 -11.06
C GLY A 254 10.88 -14.04 -11.07
N ASN A 255 10.07 -14.97 -11.65
CA ASN A 255 10.44 -16.39 -11.68
C ASN A 255 10.91 -16.72 -13.08
N PRO A 256 12.15 -17.18 -13.23
CA PRO A 256 12.65 -17.53 -14.58
C PRO A 256 11.85 -18.63 -15.28
N GLN A 257 11.17 -19.50 -14.52
CA GLN A 257 10.36 -20.57 -15.13
C GLN A 257 9.08 -20.08 -15.78
N LEU A 258 8.59 -18.88 -15.41
CA LEU A 258 7.38 -18.26 -15.98
C LEU A 258 7.69 -16.77 -16.06
N SER A 259 8.76 -16.42 -16.80
CA SER A 259 9.31 -15.07 -16.91
C SER A 259 8.29 -13.96 -17.20
N ASP A 260 7.15 -14.27 -17.82
CA ASP A 260 6.14 -13.23 -18.10
C ASP A 260 4.88 -13.33 -17.25
N GLY A 261 4.80 -14.33 -16.40
CA GLY A 261 3.62 -14.56 -15.60
C GLY A 261 2.81 -15.73 -16.15
N LEU A 262 1.58 -15.85 -15.71
CA LEU A 262 0.69 -16.93 -16.09
C LEU A 262 -0.44 -16.32 -16.91
N VAL A 263 -0.87 -17.04 -17.96
CA VAL A 263 -2.01 -16.59 -18.73
C VAL A 263 -3.24 -17.11 -18.05
N TYR A 264 -4.13 -16.22 -17.65
CA TYR A 264 -5.39 -16.59 -17.04
C TYR A 264 -6.40 -16.54 -18.20
N GLU A 265 -6.44 -17.63 -18.98
CA GLU A 265 -7.25 -17.75 -20.20
C GLU A 265 -8.70 -17.41 -20.00
N GLY A 266 -9.18 -16.50 -20.84
CA GLY A 266 -10.57 -16.06 -20.80
C GLY A 266 -10.85 -14.94 -19.84
N PHE A 267 -9.84 -14.49 -19.07
CA PHE A 267 -10.03 -13.41 -18.10
C PHE A 267 -9.19 -12.19 -18.44
N TRP A 268 -7.90 -12.39 -18.71
CA TRP A 268 -6.98 -11.34 -19.12
C TRP A 268 -6.25 -11.85 -20.36
N GLU A 269 -5.92 -10.94 -21.28
CA GLU A 269 -5.26 -11.34 -22.51
C GLU A 269 -3.80 -11.62 -22.32
N ASP A 270 -3.12 -10.73 -21.58
CA ASP A 270 -1.68 -10.81 -21.33
C ASP A 270 -1.37 -11.61 -20.07
N PRO A 271 -0.21 -12.30 -20.02
CA PRO A 271 0.14 -13.02 -18.78
C PRO A 271 0.40 -12.06 -17.61
N LYS A 272 0.05 -12.45 -16.39
CA LYS A 272 0.17 -11.63 -15.20
C LYS A 272 1.07 -12.30 -14.17
N GLU A 273 1.92 -11.50 -13.51
CA GLU A 273 2.84 -11.96 -12.47
C GLU A 273 2.25 -11.79 -11.11
N PHE A 274 2.27 -12.86 -10.27
CA PHE A 274 1.84 -12.79 -8.87
C PHE A 274 2.85 -13.56 -8.00
N ALA A 275 3.21 -13.01 -6.83
CA ALA A 275 4.17 -13.64 -5.90
C ALA A 275 3.52 -14.88 -5.27
N GLY A 276 4.35 -15.86 -4.92
CA GLY A 276 3.84 -17.08 -4.30
C GLY A 276 3.42 -16.91 -2.85
N GLY A 277 2.72 -17.90 -2.31
CA GLY A 277 2.23 -17.89 -0.93
C GLY A 277 3.36 -17.64 0.04
N SER A 278 3.14 -16.70 0.95
CA SER A 278 4.20 -16.26 1.85
C SER A 278 3.71 -15.77 3.17
N ALA A 279 4.42 -16.11 4.26
CA ALA A 279 4.06 -15.52 5.57
C ALA A 279 4.36 -13.99 5.64
N GLY A 280 5.01 -13.43 4.61
CA GLY A 280 5.13 -11.98 4.46
C GLY A 280 3.75 -11.36 4.22
N GLN A 281 2.76 -12.17 3.78
CA GLN A 281 1.35 -11.82 3.59
C GLN A 281 0.56 -11.90 4.91
N SER A 282 1.14 -12.47 5.96
CA SER A 282 0.49 -12.60 7.24
C SER A 282 0.34 -11.28 7.97
N SER A 283 -0.68 -11.17 8.80
CA SER A 283 -0.93 -9.99 9.61
C SER A 283 -0.50 -10.18 11.08
N VAL A 284 -0.23 -11.43 11.50
CA VAL A 284 0.02 -11.84 12.87
C VAL A 284 1.11 -11.04 13.57
N PHE A 285 2.36 -10.96 13.04
CA PHE A 285 3.40 -10.18 13.70
C PHE A 285 3.33 -8.71 13.22
N GLN A 286 2.90 -8.48 11.98
CA GLN A 286 2.78 -7.18 11.37
C GLN A 286 1.88 -6.22 12.17
N CYS A 287 0.77 -6.69 12.76
CA CYS A 287 -0.07 -5.78 13.57
C CYS A 287 0.65 -5.34 14.85
N PHE A 288 1.60 -6.16 15.37
CA PHE A 288 2.38 -5.79 16.53
C PHE A 288 3.53 -4.85 16.12
N ASP A 289 4.08 -5.01 14.91
CA ASP A 289 5.05 -4.05 14.39
C ASP A 289 4.37 -2.67 14.22
N VAL A 290 3.13 -2.66 13.73
CA VAL A 290 2.40 -1.41 13.57
C VAL A 290 2.05 -0.82 14.94
N LEU A 291 1.50 -1.65 15.84
CA LEU A 291 1.12 -1.21 17.20
C LEU A 291 2.31 -0.59 17.94
N LEU A 292 3.51 -1.21 17.88
CA LEU A 292 4.68 -0.75 18.62
C LEU A 292 5.57 0.28 17.89
N GLY A 293 5.16 0.72 16.72
CA GLY A 293 5.93 1.68 15.94
C GLY A 293 7.22 1.15 15.37
N ILE A 294 7.31 -0.17 15.15
CA ILE A 294 8.49 -0.76 14.51
C ILE A 294 8.21 -0.55 13.04
N GLN A 295 8.91 0.36 12.41
CA GLN A 295 8.59 0.76 11.03
C GLN A 295 9.15 -0.17 9.99
N GLN A 296 8.61 -1.39 9.93
CA GLN A 296 9.05 -2.41 8.99
C GLN A 296 8.85 -1.99 7.53
N THR A 297 7.81 -1.20 7.26
CA THR A 297 7.45 -0.74 5.92
C THR A 297 7.97 0.65 5.55
N ALA A 298 8.77 1.28 6.41
CA ALA A 298 9.33 2.60 6.12
C ALA A 298 10.57 2.50 5.23
N GLY A 299 10.70 3.45 4.32
CA GLY A 299 11.86 3.51 3.43
C GLY A 299 11.70 2.79 2.12
N GLY A 300 12.77 2.83 1.34
CA GLY A 300 12.76 2.20 0.04
C GLY A 300 13.52 0.90 -0.05
N GLY A 301 13.83 0.29 1.11
CA GLY A 301 14.57 -0.98 1.13
C GLY A 301 13.78 -2.17 0.60
N HIS A 302 14.47 -3.26 0.31
CA HIS A 302 13.81 -4.46 -0.21
C HIS A 302 12.81 -5.02 0.78
N ALA A 303 13.20 -5.13 2.07
CA ALA A 303 12.33 -5.72 3.08
C ALA A 303 11.04 -4.93 3.21
N ALA A 304 11.15 -3.61 3.27
CA ALA A 304 10.01 -2.71 3.40
C ALA A 304 9.14 -2.80 2.16
N GLN A 305 9.74 -2.82 0.96
CA GLN A 305 8.92 -2.87 -0.26
C GLN A 305 8.12 -4.20 -0.31
N PHE A 306 8.78 -5.32 0.07
CA PHE A 306 8.16 -6.64 0.05
C PHE A 306 7.03 -6.71 1.04
N LEU A 307 7.19 -6.18 2.27
CA LEU A 307 6.09 -6.21 3.23
C LEU A 307 4.91 -5.34 2.78
N GLN A 308 5.18 -4.20 2.14
CA GLN A 308 4.09 -3.36 1.65
C GLN A 308 3.35 -4.04 0.49
N ASP A 309 4.08 -4.59 -0.48
CA ASP A 309 3.50 -5.32 -1.61
C ASP A 309 2.63 -6.49 -1.14
N MET A 310 3.09 -7.24 -0.12
CA MET A 310 2.37 -8.39 0.41
C MET A 310 1.05 -8.04 1.07
N ARG A 311 0.82 -6.76 1.38
CA ARG A 311 -0.49 -6.34 1.91
C ARG A 311 -1.62 -6.53 0.87
N ARG A 312 -1.28 -6.46 -0.43
CA ARG A 312 -2.24 -6.71 -1.49
C ARG A 312 -2.71 -8.18 -1.54
N TYR A 313 -1.88 -9.10 -0.98
CA TYR A 313 -2.16 -10.54 -0.92
C TYR A 313 -2.77 -10.97 0.40
N MET A 314 -3.20 -10.00 1.19
CA MET A 314 -3.80 -10.14 2.51
C MET A 314 -5.29 -9.82 2.33
N PRO A 315 -6.20 -10.48 3.08
CA PRO A 315 -7.63 -10.15 2.95
C PRO A 315 -7.90 -8.67 3.19
N PRO A 316 -8.77 -8.06 2.37
CA PRO A 316 -9.08 -6.63 2.56
C PRO A 316 -9.38 -6.20 3.99
N ALA A 317 -10.16 -6.96 4.76
CA ALA A 317 -10.48 -6.59 6.14
C ALA A 317 -9.23 -6.44 7.03
N HIS A 318 -8.22 -7.29 6.79
CA HIS A 318 -6.98 -7.38 7.52
C HIS A 318 -6.02 -6.31 7.09
N ARG A 319 -5.98 -6.00 5.78
CA ARG A 319 -5.22 -4.88 5.23
C ARG A 319 -5.76 -3.57 5.87
N ASN A 320 -7.10 -3.46 5.99
CA ASN A 320 -7.79 -2.31 6.58
C ASN A 320 -7.51 -2.20 8.04
N PHE A 321 -7.40 -3.32 8.76
CA PHE A 321 -7.07 -3.28 10.18
C PHE A 321 -5.70 -2.66 10.39
N LEU A 322 -4.70 -3.08 9.59
CA LEU A 322 -3.33 -2.55 9.68
C LEU A 322 -3.26 -1.06 9.37
N CYS A 323 -3.87 -0.63 8.26
CA CYS A 323 -3.80 0.79 7.91
C CYS A 323 -4.56 1.65 8.96
N SER A 324 -5.65 1.12 9.54
CA SER A 324 -6.34 1.85 10.61
C SER A 324 -5.48 1.91 11.91
N LEU A 325 -4.65 0.87 12.21
CA LEU A 325 -3.73 0.93 13.35
C LEU A 325 -2.70 2.02 13.09
N GLU A 326 -2.23 2.16 11.84
CA GLU A 326 -1.27 3.20 11.40
C GLU A 326 -1.85 4.59 11.55
N SER A 327 -3.17 4.75 11.42
CA SER A 327 -3.87 6.04 11.56
C SER A 327 -4.02 6.49 13.03
N ASN A 328 -3.96 5.54 13.96
CA ASN A 328 -4.11 5.78 15.38
C ASN A 328 -2.82 6.41 15.98
N PRO A 329 -2.93 7.13 17.11
CA PRO A 329 -1.72 7.73 17.72
C PRO A 329 -0.67 6.68 18.06
N SER A 330 0.61 7.08 18.04
CA SER A 330 1.72 6.16 18.29
C SER A 330 1.89 5.73 19.75
N VAL A 331 1.99 4.42 19.98
CA VAL A 331 2.22 3.84 21.31
C VAL A 331 3.68 4.12 21.71
N ARG A 332 4.64 3.97 20.77
CA ARG A 332 6.04 4.25 21.05
C ARG A 332 6.22 5.73 21.45
N GLU A 333 5.64 6.66 20.70
CA GLU A 333 5.75 8.09 21.01
C GLU A 333 5.18 8.40 22.39
N PHE A 334 4.05 7.76 22.75
CA PHE A 334 3.43 7.98 24.04
C PHE A 334 4.36 7.47 25.15
N VAL A 335 4.91 6.27 24.99
CA VAL A 335 5.81 5.70 25.98
C VAL A 335 7.10 6.54 26.14
N LEU A 336 7.64 7.03 25.03
CA LEU A 336 8.85 7.86 25.05
C LEU A 336 8.64 9.26 25.66
N SER A 337 7.42 9.77 25.61
CA SER A 337 7.14 11.12 26.08
C SER A 337 6.85 11.21 27.59
N LYS A 338 6.92 10.10 28.34
CA LYS A 338 6.48 10.12 29.72
C LYS A 338 7.56 10.03 30.80
N GLY A 339 8.80 9.66 30.45
CA GLY A 339 9.87 9.52 31.44
C GLY A 339 9.49 8.51 32.52
N ASP A 340 8.99 7.35 32.10
CA ASP A 340 8.48 6.33 33.00
C ASP A 340 9.13 4.99 32.71
N ALA A 341 10.07 4.54 33.55
CA ALA A 341 10.77 3.28 33.35
C ALA A 341 9.88 2.05 33.28
N GLY A 342 8.84 1.98 34.10
CA GLY A 342 7.93 0.84 34.10
C GLY A 342 7.19 0.70 32.79
N LEU A 343 6.75 1.84 32.23
CA LEU A 343 6.05 1.87 30.95
C LEU A 343 7.00 1.46 29.83
N ARG A 344 8.24 1.98 29.83
CA ARG A 344 9.25 1.65 28.85
C ARG A 344 9.60 0.15 28.93
N GLU A 345 9.68 -0.41 30.15
CA GLU A 345 9.98 -1.84 30.31
C GLU A 345 8.83 -2.72 29.78
N ALA A 346 7.57 -2.30 29.96
CA ALA A 346 6.41 -3.03 29.47
C ALA A 346 6.38 -3.00 27.92
N TYR A 347 6.72 -1.85 27.33
CA TYR A 347 6.79 -1.66 25.89
C TYR A 347 7.91 -2.55 25.35
N ASP A 348 9.08 -2.51 25.98
CA ASP A 348 10.21 -3.35 25.58
C ASP A 348 9.96 -4.82 25.75
N ALA A 349 9.07 -5.23 26.68
CA ALA A 349 8.75 -6.63 26.83
C ALA A 349 8.01 -7.14 25.56
N CYS A 350 7.17 -6.29 24.93
CA CYS A 350 6.45 -6.66 23.73
C CYS A 350 7.45 -6.75 22.56
N VAL A 351 8.36 -5.76 22.45
CA VAL A 351 9.37 -5.75 21.39
C VAL A 351 10.28 -6.94 21.52
N LYS A 352 10.71 -7.24 22.76
CA LYS A 352 11.59 -8.38 22.99
C LYS A 352 10.89 -9.69 22.63
N ALA A 353 9.58 -9.82 22.88
CA ALA A 353 8.86 -11.05 22.54
C ALA A 353 8.87 -11.24 21.02
N LEU A 354 8.78 -10.15 20.24
CA LEU A 354 8.86 -10.22 18.80
C LEU A 354 10.25 -10.59 18.33
N VAL A 355 11.29 -10.04 18.95
CA VAL A 355 12.69 -10.37 18.64
C VAL A 355 12.91 -11.86 18.92
N SER A 356 12.41 -12.39 20.02
CA SER A 356 12.58 -13.80 20.36
C SER A 356 11.90 -14.74 19.34
N LEU A 357 10.68 -14.38 18.88
CA LEU A 357 9.94 -15.11 17.88
C LEU A 357 10.76 -15.08 16.58
N ARG A 358 11.24 -13.91 16.14
CA ARG A 358 11.99 -13.83 14.90
C ARG A 358 13.35 -14.52 14.99
N SER A 359 13.97 -14.51 16.16
CA SER A 359 15.28 -15.18 16.33
C SER A 359 15.08 -16.72 16.27
N TYR A 360 14.05 -17.25 16.93
CA TYR A 360 13.73 -18.68 16.85
C TYR A 360 13.38 -19.05 15.41
N HIS A 361 12.60 -18.19 14.73
CA HIS A 361 12.22 -18.40 13.35
C HIS A 361 13.44 -18.46 12.43
N LEU A 362 14.46 -17.62 12.66
CA LEU A 362 15.70 -17.66 11.86
C LEU A 362 16.44 -18.98 12.06
N GLN A 363 16.35 -19.58 13.26
CA GLN A 363 17.00 -20.88 13.49
C GLN A 363 16.25 -21.97 12.72
N ILE A 364 14.91 -21.88 12.67
CA ILE A 364 14.10 -22.82 11.89
C ILE A 364 14.48 -22.73 10.43
N VAL A 365 14.62 -21.52 9.89
CA VAL A 365 14.95 -21.32 8.47
C VAL A 365 16.32 -21.89 8.11
N THR A 366 17.28 -21.82 9.05
CA THR A 366 18.60 -22.42 8.82
C THR A 366 18.46 -23.96 8.65
N LYS A 367 17.68 -24.58 9.52
CA LYS A 367 17.45 -26.02 9.46
C LYS A 367 16.61 -26.45 8.25
N TYR A 368 15.53 -25.73 7.96
CA TYR A 368 14.59 -26.15 6.92
C TYR A 368 14.92 -25.66 5.52
N ILE A 369 15.73 -24.60 5.37
CA ILE A 369 16.05 -24.06 4.06
C ILE A 369 17.55 -24.00 3.81
N LEU A 370 18.30 -23.30 4.67
CA LEU A 370 19.73 -23.10 4.48
C LEU A 370 20.54 -24.37 4.35
N ILE A 371 20.40 -25.29 5.30
CA ILE A 371 21.14 -26.54 5.27
C ILE A 371 20.73 -27.40 4.05
N PRO A 372 19.43 -27.70 3.80
CA PRO A 372 19.08 -28.46 2.58
C PRO A 372 19.59 -27.83 1.28
N ALA A 373 19.55 -26.49 1.16
CA ALA A 373 20.04 -25.82 -0.05
C ALA A 373 21.55 -26.05 -0.25
N SER A 374 22.30 -26.18 0.85
CA SER A 374 23.74 -26.41 0.83
C SER A 374 24.09 -27.83 0.38
N GLN A 375 23.18 -28.80 0.59
CA GLN A 375 23.41 -30.19 0.21
C GLN A 375 22.94 -30.51 -1.21
N GLN A 376 22.80 -29.48 -2.09
CA GLN A 376 22.38 -29.64 -3.49
C GLN A 376 23.52 -30.15 -4.40
N GLY A 396 18.37 -18.78 -0.82
CA GLY A 396 18.48 -18.89 0.64
C GLY A 396 19.05 -17.63 1.25
N THR A 397 20.12 -17.11 0.63
CA THR A 397 20.82 -15.88 1.04
C THR A 397 19.85 -14.68 1.14
N ASP A 398 19.04 -14.47 0.10
CA ASP A 398 18.10 -13.36 0.09
C ASP A 398 16.98 -13.53 1.08
N LEU A 399 16.56 -14.78 1.34
CA LEU A 399 15.52 -15.09 2.34
C LEU A 399 16.05 -14.75 3.70
N MET A 400 17.31 -15.19 4.00
CA MET A 400 17.96 -14.92 5.27
C MET A 400 18.15 -13.44 5.48
N ASN A 401 18.55 -12.72 4.43
CA ASN A 401 18.77 -11.29 4.56
C ASN A 401 17.48 -10.55 4.81
N PHE A 402 16.36 -10.98 4.19
CA PHE A 402 15.06 -10.33 4.43
C PHE A 402 14.68 -10.54 5.91
N LEU A 403 14.75 -11.79 6.41
CA LEU A 403 14.43 -12.12 7.79
C LEU A 403 15.35 -11.40 8.79
N LYS A 404 16.62 -11.29 8.45
CA LYS A 404 17.60 -10.62 9.30
C LYS A 404 17.32 -9.16 9.41
N THR A 405 16.89 -8.52 8.30
CA THR A 405 16.54 -7.11 8.30
C THR A 405 15.31 -6.85 9.17
N VAL A 406 14.28 -7.68 9.04
CA VAL A 406 13.05 -7.56 9.82
C VAL A 406 13.36 -7.76 11.32
N ARG A 407 14.19 -8.75 11.62
CA ARG A 407 14.61 -8.99 13.00
C ARG A 407 15.46 -7.80 13.52
N SER A 408 16.41 -7.30 12.72
CA SER A 408 17.26 -6.16 13.05
C SER A 408 16.41 -4.93 13.38
N THR A 409 15.45 -4.59 12.50
CA THR A 409 14.56 -3.45 12.68
C THR A 409 13.79 -3.58 14.00
N THR A 410 13.37 -4.80 14.35
CA THR A 410 12.66 -5.08 15.61
C THR A 410 13.61 -4.85 16.78
N GLU A 411 14.81 -5.44 16.75
CA GLU A 411 15.79 -5.28 17.84
C GLU A 411 16.18 -3.79 18.08
N LYS A 412 16.40 -3.03 17.01
CA LYS A 412 16.74 -1.62 17.12
C LYS A 412 15.61 -0.75 17.67
N SER A 413 14.40 -1.31 17.81
CA SER A 413 13.29 -0.59 18.41
C SER A 413 13.27 -0.70 19.92
N LEU A 414 14.13 -1.54 20.52
CA LEU A 414 14.17 -1.65 21.98
C LEU A 414 14.60 -0.27 22.56
N LEU A 415 13.90 0.19 23.58
CA LEU A 415 14.20 1.46 24.22
C LEU A 415 15.44 1.31 25.15
N LYS A 416 15.66 0.11 25.71
CA LYS A 416 16.78 -0.17 26.59
C LYS A 416 17.67 -1.33 26.09
N GLU A 417 17.24 -2.62 26.14
CA GLU A 417 18.10 -3.78 25.81
C GLU A 417 19.00 -3.56 24.58
N GLY A 418 20.26 -3.22 24.85
CA GLY A 418 21.27 -2.95 23.84
C GLY A 418 22.64 -3.37 24.35
N THR B 25 -19.98 15.73 7.99
CA THR B 25 -18.72 16.44 7.81
C THR B 25 -17.50 15.54 8.08
N ILE B 26 -16.42 15.70 7.27
CA ILE B 26 -15.19 14.93 7.40
C ILE B 26 -14.42 15.35 8.65
N SER B 27 -13.88 14.37 9.40
CA SER B 27 -13.13 14.63 10.61
C SER B 27 -11.93 15.55 10.36
N LYS B 28 -11.68 16.45 11.33
CA LYS B 28 -10.60 17.43 11.24
C LYS B 28 -9.22 16.77 11.12
N GLU B 29 -9.05 15.59 11.72
CA GLU B 29 -7.77 14.87 11.68
C GLU B 29 -7.32 14.39 10.28
N TYR B 30 -8.19 14.52 9.27
CA TYR B 30 -7.81 14.13 7.91
C TYR B 30 -7.23 15.28 7.09
N HIS B 31 -7.27 16.52 7.63
CA HIS B 31 -6.71 17.70 7.00
C HIS B 31 -7.29 17.94 5.62
N ILE B 32 -8.61 17.87 5.53
CA ILE B 32 -9.33 18.14 4.29
C ILE B 32 -10.19 19.36 4.58
N ASP B 33 -9.98 20.41 3.81
CA ASP B 33 -10.68 21.66 4.02
C ASP B 33 -11.96 21.71 3.20
N GLU B 34 -13.03 22.29 3.76
CA GLU B 34 -14.30 22.36 3.07
C GLU B 34 -14.20 23.16 1.77
N GLU B 35 -13.35 24.20 1.77
CA GLU B 35 -13.23 25.04 0.58
C GLU B 35 -12.15 24.59 -0.40
N VAL B 36 -10.98 24.20 0.10
CA VAL B 36 -9.86 23.88 -0.77
C VAL B 36 -9.47 22.40 -0.81
N GLY B 37 -10.11 21.56 -0.02
CA GLY B 37 -9.92 20.12 -0.07
C GLY B 37 -8.61 19.60 0.45
N PHE B 38 -7.88 18.84 -0.39
CA PHE B 38 -6.56 18.35 0.01
C PHE B 38 -5.51 19.49 0.05
N ALA B 39 -5.80 20.65 -0.58
CA ALA B 39 -4.86 21.77 -0.57
C ALA B 39 -4.69 22.31 0.84
N LEU B 40 -3.51 22.83 1.14
CA LEU B 40 -3.25 23.41 2.46
C LEU B 40 -3.96 24.76 2.50
N PRO B 41 -4.92 24.94 3.42
CA PRO B 41 -5.63 26.23 3.46
C PRO B 41 -4.69 27.35 3.89
N ASN B 42 -4.79 28.53 3.22
CA ASN B 42 -3.96 29.75 3.46
C ASN B 42 -2.54 29.43 3.90
N PRO B 43 -1.71 28.88 2.98
CA PRO B 43 -0.35 28.49 3.38
C PRO B 43 0.47 29.67 3.89
N GLN B 44 1.40 29.39 4.82
CA GLN B 44 2.32 30.38 5.40
C GLN B 44 3.31 30.80 4.29
N GLU B 45 3.56 32.11 4.14
CA GLU B 45 4.49 32.61 3.13
C GLU B 45 5.88 32.90 3.69
N ASN B 46 5.98 33.22 4.99
CA ASN B 46 7.26 33.55 5.59
C ASN B 46 7.59 32.66 6.76
N LEU B 47 8.86 32.27 6.87
CA LEU B 47 9.36 31.47 7.98
C LEU B 47 9.88 32.42 9.09
N PRO B 48 10.10 31.95 10.33
CA PRO B 48 10.73 32.81 11.36
C PRO B 48 12.11 33.33 10.88
N ASP B 49 12.50 34.56 11.33
CA ASP B 49 13.74 35.23 10.95
C ASP B 49 14.98 34.34 11.05
N PHE B 50 14.96 33.34 11.95
CA PHE B 50 16.06 32.40 12.11
C PHE B 50 16.44 31.71 10.79
N TYR B 51 15.44 31.47 9.91
CA TYR B 51 15.63 30.77 8.63
C TYR B 51 15.79 31.68 7.43
N ASN B 52 16.13 32.96 7.65
CA ASN B 52 16.30 33.94 6.56
C ASN B 52 17.26 33.46 5.47
N ASP B 53 18.30 32.70 5.84
CA ASP B 53 19.26 32.21 4.85
C ASP B 53 18.64 31.16 3.91
N TRP B 54 17.66 30.39 4.41
CA TRP B 54 16.96 29.42 3.56
C TRP B 54 16.05 30.20 2.65
N MET B 55 15.24 31.11 3.22
CA MET B 55 14.30 31.90 2.45
C MET B 55 14.94 32.72 1.37
N PHE B 56 16.13 33.31 1.65
CA PHE B 56 16.81 34.10 0.63
C PHE B 56 17.10 33.24 -0.62
N ILE B 57 17.66 32.04 -0.43
CA ILE B 57 18.00 31.15 -1.54
C ILE B 57 16.76 30.74 -2.33
N ALA B 58 15.71 30.25 -1.63
CA ALA B 58 14.46 29.79 -2.22
C ALA B 58 13.75 30.89 -2.99
N LYS B 59 13.74 32.12 -2.44
CA LYS B 59 13.09 33.23 -3.13
C LYS B 59 13.85 33.74 -4.35
N HIS B 60 15.12 33.34 -4.52
CA HIS B 60 15.93 33.83 -5.63
C HIS B 60 16.50 32.72 -6.50
N LEU B 61 15.82 31.55 -6.55
CA LEU B 61 16.28 30.43 -7.38
C LEU B 61 16.47 30.82 -8.83
N PRO B 62 15.54 31.55 -9.49
CA PRO B 62 15.77 31.89 -10.90
C PRO B 62 17.09 32.62 -11.12
N ASP B 63 17.39 33.62 -10.28
CA ASP B 63 18.62 34.42 -10.37
C ASP B 63 19.85 33.63 -10.00
N LEU B 64 19.81 32.92 -8.85
CA LEU B 64 20.95 32.16 -8.37
C LEU B 64 21.35 31.03 -9.28
N ILE B 65 20.37 30.32 -9.86
CA ILE B 65 20.67 29.21 -10.75
C ILE B 65 21.32 29.75 -12.02
N GLU B 66 20.73 30.78 -12.61
CA GLU B 66 21.20 31.34 -13.88
C GLU B 66 22.62 31.88 -13.77
N SER B 67 22.93 32.55 -12.67
CA SER B 67 24.25 33.11 -12.44
C SER B 67 25.28 32.10 -11.93
N GLY B 68 24.90 30.84 -11.72
CA GLY B 68 25.80 29.81 -11.22
C GLY B 68 26.19 30.01 -9.76
N GLN B 69 25.40 30.81 -9.01
CA GLN B 69 25.67 31.07 -7.61
C GLN B 69 24.91 30.17 -6.64
N LEU B 70 23.90 29.42 -7.13
CA LEU B 70 23.05 28.59 -6.30
C LEU B 70 23.81 27.62 -5.42
N ARG B 71 24.63 26.76 -6.02
CA ARG B 71 25.35 25.72 -5.30
C ARG B 71 26.31 26.28 -4.25
N GLU B 72 27.01 27.38 -4.56
CA GLU B 72 27.93 28.03 -3.62
C GLU B 72 27.13 28.55 -2.39
N ARG B 73 26.02 29.28 -2.61
CA ARG B 73 25.17 29.78 -1.53
C ARG B 73 24.68 28.64 -0.66
N VAL B 74 24.34 27.49 -1.25
CA VAL B 74 23.88 26.33 -0.49
C VAL B 74 25.02 25.79 0.35
N GLU B 75 26.19 25.58 -0.26
CA GLU B 75 27.38 25.08 0.43
C GLU B 75 27.87 26.02 1.55
N LYS B 76 27.53 27.31 1.46
CA LYS B 76 27.91 28.30 2.46
C LYS B 76 26.98 28.32 3.70
N LEU B 77 25.83 27.63 3.63
CA LEU B 77 24.87 27.63 4.74
C LEU B 77 25.42 26.99 5.98
N ASN B 78 24.96 27.46 7.13
CA ASN B 78 25.27 26.83 8.43
C ASN B 78 24.10 25.90 8.73
N MET B 79 24.35 24.77 9.38
CA MET B 79 23.28 23.84 9.71
C MET B 79 22.29 24.44 10.68
N LEU B 80 21.08 24.77 10.21
CA LEU B 80 20.05 25.34 11.09
C LEU B 80 19.19 24.26 11.70
N SER B 81 18.84 24.44 12.98
CA SER B 81 17.97 23.51 13.70
C SER B 81 16.54 23.67 13.21
N ILE B 82 15.78 22.58 13.17
CA ILE B 82 14.37 22.65 12.78
C ILE B 82 13.40 22.89 13.95
N ASP B 83 13.92 22.99 15.19
CA ASP B 83 13.09 23.17 16.38
C ASP B 83 12.32 24.48 16.45
N HIS B 84 12.63 25.44 15.60
CA HIS B 84 11.92 26.72 15.59
C HIS B 84 10.75 26.76 14.58
N LEU B 85 10.41 25.59 13.98
CA LEU B 85 9.28 25.41 13.06
C LEU B 85 8.31 24.66 13.95
N THR B 86 7.45 25.41 14.66
CA THR B 86 6.59 24.90 15.73
C THR B 86 5.16 24.51 15.39
N ASP B 87 4.75 24.63 14.12
CA ASP B 87 3.41 24.25 13.72
C ASP B 87 3.42 23.65 12.32
N HIS B 88 2.31 22.99 11.92
CA HIS B 88 2.22 22.35 10.62
C HIS B 88 2.53 23.28 9.45
N LYS B 89 1.91 24.46 9.40
CA LYS B 89 2.13 25.39 8.31
C LYS B 89 3.58 25.83 8.12
N SER B 90 4.29 26.18 9.21
CA SER B 90 5.68 26.59 9.09
C SER B 90 6.53 25.38 8.66
N GLN B 91 6.21 24.18 9.15
CA GLN B 91 6.93 22.96 8.76
C GLN B 91 6.73 22.62 7.27
N ARG B 92 5.50 22.83 6.76
CA ARG B 92 5.13 22.59 5.37
C ARG B 92 5.84 23.61 4.49
N LEU B 93 5.87 24.90 4.91
CA LEU B 93 6.59 25.94 4.16
C LEU B 93 8.07 25.61 4.09
N ALA B 94 8.66 25.18 5.21
CA ALA B 94 10.07 24.80 5.27
C ALA B 94 10.34 23.64 4.32
N ARG B 95 9.46 22.62 4.29
CA ARG B 95 9.58 21.47 3.39
C ARG B 95 9.62 21.95 1.95
N LEU B 96 8.77 22.91 1.61
CA LEU B 96 8.70 23.50 0.26
C LEU B 96 9.99 24.29 -0.10
N VAL B 97 10.50 25.11 0.84
CA VAL B 97 11.71 25.87 0.66
C VAL B 97 12.90 24.92 0.44
N LEU B 98 13.10 23.94 1.33
CA LEU B 98 14.21 23.00 1.23
C LEU B 98 14.13 22.05 0.02
N GLY B 99 12.91 21.68 -0.34
CA GLY B 99 12.67 20.82 -1.47
C GLY B 99 13.01 21.55 -2.75
N CYS B 100 12.57 22.83 -2.88
CA CYS B 100 12.91 23.59 -4.10
C CYS B 100 14.42 23.82 -4.18
N ILE B 101 15.07 24.08 -3.02
CA ILE B 101 16.50 24.29 -3.01
C ILE B 101 17.22 22.98 -3.40
N THR B 102 16.76 21.83 -2.90
CA THR B 102 17.35 20.53 -3.25
C THR B 102 17.26 20.22 -4.74
N MET B 103 16.11 20.51 -5.36
CA MET B 103 15.95 20.30 -6.82
C MET B 103 16.92 21.20 -7.58
N ALA B 104 17.00 22.46 -7.19
CA ALA B 104 17.90 23.44 -7.82
C ALA B 104 19.34 22.99 -7.65
N TYR B 105 19.71 22.50 -6.47
CA TYR B 105 21.07 22.07 -6.21
C TYR B 105 21.44 20.85 -7.05
N VAL B 106 20.56 19.83 -7.05
CA VAL B 106 20.84 18.61 -7.76
C VAL B 106 20.90 18.86 -9.27
N TRP B 107 19.92 19.58 -9.82
CA TRP B 107 19.83 19.73 -11.27
C TRP B 107 20.57 20.94 -11.85
N GLY B 108 21.00 21.87 -11.00
CA GLY B 108 21.72 23.05 -11.45
C GLY B 108 20.95 23.89 -12.45
N LYS B 109 21.54 24.14 -13.61
CA LYS B 109 20.86 24.87 -14.68
C LYS B 109 19.89 24.00 -15.50
N GLY B 110 19.75 22.72 -15.16
CA GLY B 110 18.85 21.82 -15.86
C GLY B 110 19.39 21.36 -17.19
N HIS B 111 20.71 21.18 -17.28
CA HIS B 111 21.31 20.75 -18.54
C HIS B 111 22.10 19.47 -18.45
N GLY B 112 22.03 18.73 -17.34
CA GLY B 112 22.74 17.46 -17.23
C GLY B 112 23.90 17.43 -16.26
N ASP B 113 24.44 18.60 -15.84
CA ASP B 113 25.54 18.62 -14.87
CA ASP B 113 25.54 18.62 -14.89
C ASP B 113 24.86 18.56 -13.52
N VAL B 114 24.88 17.39 -12.92
CA VAL B 114 24.21 17.17 -11.67
C VAL B 114 25.13 17.05 -10.41
N ARG B 115 24.53 17.13 -9.23
CA ARG B 115 25.23 16.92 -7.97
C ARG B 115 24.71 15.62 -7.40
N LYS B 116 25.62 14.72 -6.97
CA LYS B 116 25.24 13.43 -6.38
C LYS B 116 25.29 13.37 -4.85
N VAL B 117 25.69 14.47 -4.21
CA VAL B 117 25.76 14.57 -2.76
C VAL B 117 25.09 15.87 -2.35
N LEU B 118 24.14 15.82 -1.43
CA LEU B 118 23.47 17.01 -0.91
C LEU B 118 24.23 17.35 0.37
N PRO B 119 24.74 18.59 0.49
CA PRO B 119 25.57 18.96 1.65
C PRO B 119 24.86 18.82 2.98
N ARG B 120 25.58 18.38 4.03
CA ARG B 120 25.02 18.16 5.35
C ARG B 120 24.27 19.34 5.95
N ASN B 121 24.71 20.55 5.68
CA ASN B 121 24.09 21.77 6.20
C ASN B 121 22.62 21.89 5.82
N ILE B 122 22.23 21.33 4.66
CA ILE B 122 20.84 21.34 4.22
C ILE B 122 20.23 19.94 4.32
N ALA B 123 20.99 18.89 3.97
CA ALA B 123 20.48 17.52 4.04
C ALA B 123 20.03 17.09 5.43
N VAL B 124 20.75 17.51 6.48
CA VAL B 124 20.39 17.11 7.85
C VAL B 124 19.06 17.74 8.27
N PRO B 125 18.87 19.08 8.24
CA PRO B 125 17.56 19.63 8.63
C PRO B 125 16.43 19.17 7.70
N TYR B 126 16.73 18.94 6.43
CA TYR B 126 15.71 18.52 5.47
C TYR B 126 15.22 17.13 5.82
N CYS B 127 16.14 16.18 6.08
CA CYS B 127 15.76 14.82 6.47
C CYS B 127 15.06 14.77 7.84
N GLN B 128 15.47 15.65 8.76
CA GLN B 128 14.84 15.68 10.09
C GLN B 128 13.41 16.19 9.99
N LEU B 129 13.19 17.22 9.18
CA LEU B 129 11.87 17.80 9.00
C LEU B 129 10.96 16.82 8.24
N SER B 130 11.53 16.08 7.28
CA SER B 130 10.81 15.09 6.50
C SER B 130 10.39 13.95 7.42
N LYS B 131 11.27 13.51 8.33
CA LYS B 131 10.92 12.43 9.27
C LYS B 131 9.77 12.84 10.18
N LYS B 132 9.77 14.10 10.61
CA LYS B 132 8.75 14.68 11.47
C LYS B 132 7.41 14.74 10.75
N LEU B 133 7.41 15.13 9.46
CA LEU B 133 6.17 15.22 8.70
C LEU B 133 5.74 13.91 8.03
N GLU B 134 6.53 12.83 8.18
CA GLU B 134 6.32 11.50 7.61
C GLU B 134 6.26 11.55 6.09
N LEU B 135 7.22 12.25 5.50
CA LEU B 135 7.35 12.41 4.07
C LEU B 135 8.81 12.18 3.69
N PRO B 136 9.09 11.75 2.46
CA PRO B 136 10.49 11.55 2.05
C PRO B 136 11.23 12.90 1.83
N PRO B 137 12.56 12.89 1.93
CA PRO B 137 13.32 14.14 1.71
C PRO B 137 13.51 14.47 0.22
N ILE B 138 12.41 14.76 -0.45
CA ILE B 138 12.35 15.16 -1.86
C ILE B 138 11.06 15.96 -2.01
N LEU B 139 11.02 16.89 -2.97
CA LEU B 139 9.85 17.70 -3.23
C LEU B 139 8.71 16.78 -3.72
N VAL B 140 7.54 16.86 -3.08
CA VAL B 140 6.39 16.04 -3.45
C VAL B 140 5.27 16.99 -3.91
N TYR B 141 4.23 16.43 -4.55
CA TYR B 141 3.07 17.16 -5.03
C TYR B 141 2.44 18.01 -3.88
N ALA B 142 2.40 17.47 -2.65
CA ALA B 142 1.82 18.21 -1.51
C ALA B 142 2.65 19.50 -1.17
N ASP B 143 3.92 19.53 -1.56
CA ASP B 143 4.77 20.71 -1.35
C ASP B 143 4.59 21.65 -2.52
N CYS B 144 4.93 21.22 -3.75
CA CYS B 144 4.94 22.12 -4.94
C CYS B 144 3.56 22.53 -5.43
N VAL B 145 2.48 21.80 -5.06
CA VAL B 145 1.15 22.22 -5.48
C VAL B 145 0.33 22.64 -4.27
N LEU B 146 0.13 21.73 -3.32
CA LEU B 146 -0.81 21.92 -2.22
C LEU B 146 -0.45 23.03 -1.21
N ALA B 147 0.84 23.25 -0.98
CA ALA B 147 1.33 24.27 -0.04
C ALA B 147 2.03 25.47 -0.73
N ASN B 148 2.15 25.44 -2.06
CA ASN B 148 2.86 26.44 -2.84
C ASN B 148 1.95 27.49 -3.46
N TRP B 149 1.12 28.14 -2.61
CA TRP B 149 0.18 29.12 -3.18
C TRP B 149 -0.23 30.22 -2.24
N LYS B 150 -0.82 31.29 -2.81
CA LYS B 150 -1.36 32.41 -2.06
C LYS B 150 -2.41 33.11 -2.87
N LYS B 151 -3.30 33.79 -2.18
CA LYS B 151 -4.28 34.68 -2.82
C LYS B 151 -3.54 36.06 -2.91
N LYS B 152 -3.69 36.80 -4.02
CA LYS B 152 -3.11 38.13 -4.14
C LYS B 152 -3.89 39.04 -3.17
N ASP B 153 -5.22 39.08 -3.30
CA ASP B 153 -6.11 39.83 -2.41
C ASP B 153 -6.93 38.81 -1.63
N PRO B 154 -6.80 38.80 -0.29
CA PRO B 154 -7.58 37.84 0.52
C PRO B 154 -9.10 38.05 0.49
N ASN B 155 -9.54 39.25 0.07
CA ASN B 155 -10.97 39.53 -0.03
C ASN B 155 -11.58 39.14 -1.38
N LYS B 156 -10.78 38.57 -2.30
CA LYS B 156 -11.28 38.15 -3.61
C LYS B 156 -11.30 36.61 -3.72
N PRO B 157 -12.13 36.04 -4.62
CA PRO B 157 -12.25 34.57 -4.70
C PRO B 157 -11.02 33.80 -5.18
N LEU B 158 -11.08 32.46 -5.09
CA LEU B 158 -10.00 31.60 -5.52
C LEU B 158 -10.00 31.45 -7.03
N THR B 159 -9.53 32.47 -7.72
CA THR B 159 -9.46 32.46 -9.17
C THR B 159 -7.99 32.64 -9.58
N TYR B 160 -7.62 32.17 -10.77
CA TYR B 160 -6.25 32.27 -11.28
C TYR B 160 -5.71 33.72 -11.23
N GLU B 161 -6.55 34.70 -11.64
CA GLU B 161 -6.16 36.11 -11.62
C GLU B 161 -5.84 36.62 -10.23
N ASN B 162 -6.48 36.07 -9.20
CA ASN B 162 -6.25 36.47 -7.83
C ASN B 162 -5.30 35.54 -7.10
N MET B 163 -4.43 34.80 -7.81
CA MET B 163 -3.56 33.84 -7.13
C MET B 163 -2.15 33.84 -7.63
N ASP B 164 -1.23 33.31 -6.82
CA ASP B 164 0.14 33.14 -7.24
C ASP B 164 0.80 31.95 -6.51
N VAL B 165 1.89 31.44 -7.07
CA VAL B 165 2.68 30.41 -6.38
C VAL B 165 3.67 31.13 -5.44
N LEU B 166 4.32 30.38 -4.54
CA LEU B 166 5.32 30.97 -3.66
C LEU B 166 6.72 30.84 -4.24
N PHE B 167 7.01 29.73 -4.93
CA PHE B 167 8.34 29.52 -5.48
C PHE B 167 8.28 28.98 -6.92
N SER B 168 9.23 29.44 -7.72
CA SER B 168 9.45 28.99 -9.08
C SER B 168 10.92 28.54 -9.16
N PHE B 169 11.31 27.88 -10.26
CA PHE B 169 12.69 27.45 -10.41
C PHE B 169 13.46 28.42 -11.33
N ARG B 170 12.87 28.73 -12.48
CA ARG B 170 13.51 29.55 -13.47
C ARG B 170 12.51 30.51 -14.08
N ASP B 171 13.01 31.62 -14.63
CA ASP B 171 12.15 32.57 -15.34
C ASP B 171 11.64 31.89 -16.60
N GLY B 172 10.35 31.97 -16.85
CA GLY B 172 9.74 31.35 -18.00
C GLY B 172 9.52 29.84 -17.88
N ASP B 173 9.61 29.27 -16.67
CA ASP B 173 9.39 27.84 -16.49
C ASP B 173 7.89 27.44 -16.46
N CYS B 174 6.96 28.40 -16.35
CA CYS B 174 5.51 28.14 -16.32
C CYS B 174 5.04 27.40 -15.07
N SER B 175 5.85 27.41 -14.01
CA SER B 175 5.49 26.79 -12.74
C SER B 175 4.26 27.41 -12.14
N LYS B 176 4.01 28.72 -12.38
CA LYS B 176 2.79 29.34 -11.87
C LYS B 176 1.58 28.71 -12.53
N GLY B 177 1.60 28.60 -13.86
CA GLY B 177 0.49 28.03 -14.62
C GLY B 177 0.26 26.58 -14.25
N PHE B 178 1.31 25.78 -14.22
CA PHE B 178 1.21 24.37 -13.92
C PHE B 178 0.75 24.06 -12.50
N PHE B 179 1.40 24.67 -11.51
CA PHE B 179 1.06 24.40 -10.11
C PHE B 179 -0.30 24.96 -9.78
N LEU B 180 -0.63 26.16 -10.30
CA LEU B 180 -1.91 26.79 -9.97
C LEU B 180 -3.09 26.10 -10.63
N VAL B 181 -2.95 25.64 -11.88
CA VAL B 181 -4.07 24.96 -12.55
C VAL B 181 -4.32 23.60 -11.84
N SER B 182 -3.27 22.92 -11.37
CA SER B 182 -3.42 21.69 -10.58
C SER B 182 -4.17 21.99 -9.30
N LEU B 183 -3.78 23.08 -8.62
CA LEU B 183 -4.41 23.52 -7.40
C LEU B 183 -5.89 23.88 -7.63
N LEU B 184 -6.20 24.57 -8.72
CA LEU B 184 -7.57 24.96 -9.03
C LEU B 184 -8.48 23.75 -9.28
N VAL B 185 -7.94 22.64 -9.81
CA VAL B 185 -8.70 21.41 -9.99
C VAL B 185 -8.89 20.75 -8.60
N GLU B 186 -7.87 20.78 -7.79
CA GLU B 186 -7.87 20.30 -6.42
C GLU B 186 -9.00 21.05 -5.63
N ILE B 187 -9.17 22.35 -5.87
CA ILE B 187 -10.19 23.18 -5.23
C ILE B 187 -11.59 22.85 -5.78
N ALA B 188 -11.71 22.69 -7.10
CA ALA B 188 -12.98 22.29 -7.74
C ALA B 188 -13.43 20.92 -7.19
N ALA B 189 -12.49 20.01 -6.91
CA ALA B 189 -12.83 18.71 -6.34
C ALA B 189 -13.35 18.78 -4.91
N ALA B 190 -13.02 19.84 -4.18
CA ALA B 190 -13.41 19.98 -2.77
C ALA B 190 -14.92 19.94 -2.59
N SER B 191 -15.69 20.49 -3.55
CA SER B 191 -17.15 20.47 -3.42
C SER B 191 -17.71 19.04 -3.55
N ALA B 192 -16.95 18.12 -4.20
CA ALA B 192 -17.36 16.72 -4.33
C ALA B 192 -16.88 15.94 -3.10
N ILE B 193 -15.65 16.22 -2.60
CA ILE B 193 -15.07 15.54 -1.43
C ILE B 193 -15.98 15.70 -0.22
N LYS B 194 -16.51 16.93 -0.02
CA LYS B 194 -17.32 17.19 1.16
C LYS B 194 -18.62 16.38 1.24
N VAL B 195 -19.06 15.80 0.10
CA VAL B 195 -20.28 15.03 0.10
C VAL B 195 -19.97 13.53 0.45
N ILE B 196 -18.69 13.10 0.47
CA ILE B 196 -18.31 11.73 0.82
C ILE B 196 -18.99 11.24 2.13
N PRO B 197 -18.96 11.98 3.27
CA PRO B 197 -19.66 11.49 4.48
C PRO B 197 -21.17 11.28 4.30
N THR B 198 -21.84 12.07 3.45
CA THR B 198 -23.27 11.92 3.17
C THR B 198 -23.52 10.57 2.48
N VAL B 199 -22.62 10.15 1.58
CA VAL B 199 -22.73 8.88 0.90
C VAL B 199 -22.69 7.72 1.93
N PHE B 200 -21.73 7.72 2.83
CA PHE B 200 -21.60 6.65 3.82
C PHE B 200 -22.72 6.67 4.85
N LYS B 201 -23.18 7.85 5.24
CA LYS B 201 -24.28 7.94 6.21
C LYS B 201 -25.57 7.40 5.58
N ALA B 202 -25.84 7.70 4.29
CA ALA B 202 -27.03 7.21 3.58
C ALA B 202 -27.02 5.69 3.48
N MET B 203 -25.86 5.10 3.22
CA MET B 203 -25.75 3.65 3.15
C MET B 203 -25.97 2.98 4.52
N GLN B 204 -25.43 3.56 5.59
CA GLN B 204 -25.58 3.00 6.94
C GLN B 204 -27.02 3.13 7.41
N MET B 205 -27.66 4.29 7.13
CA MET B 205 -29.04 4.59 7.49
C MET B 205 -30.07 3.99 6.53
N GLN B 206 -29.63 3.33 5.44
CA GLN B 206 -30.48 2.75 4.42
C GLN B 206 -31.42 3.80 3.84
N GLU B 207 -30.83 4.87 3.31
CA GLU B 207 -31.53 6.00 2.74
C GLU B 207 -31.18 6.12 1.25
N ARG B 208 -31.85 5.31 0.42
CA ARG B 208 -31.64 5.27 -1.03
C ARG B 208 -31.76 6.62 -1.70
N ASP B 209 -32.80 7.40 -1.39
CA ASP B 209 -32.98 8.69 -2.07
C ASP B 209 -31.85 9.68 -1.73
N THR B 210 -31.39 9.68 -0.47
CA THR B 210 -30.28 10.51 -0.02
C THR B 210 -29.00 10.08 -0.75
N LEU B 211 -28.76 8.77 -0.86
CA LEU B 211 -27.57 8.27 -1.56
C LEU B 211 -27.58 8.68 -3.03
N LEU B 212 -28.72 8.55 -3.71
CA LEU B 212 -28.81 8.92 -5.12
C LEU B 212 -28.51 10.42 -5.33
N LYS B 213 -29.07 11.30 -4.48
CA LYS B 213 -28.85 12.73 -4.56
C LYS B 213 -27.37 13.05 -4.34
N ALA B 214 -26.71 12.39 -3.37
CA ALA B 214 -25.29 12.56 -3.08
C ALA B 214 -24.41 12.12 -4.25
N LEU B 215 -24.73 10.96 -4.86
CA LEU B 215 -23.97 10.49 -6.01
C LEU B 215 -24.09 11.46 -7.20
N LEU B 216 -25.28 12.03 -7.40
CA LEU B 216 -25.49 12.99 -8.49
C LEU B 216 -24.78 14.33 -8.24
N GLU B 217 -24.67 14.73 -6.97
CA GLU B 217 -23.99 15.95 -6.61
C GLU B 217 -22.47 15.76 -6.80
N ILE B 218 -21.93 14.59 -6.48
CA ILE B 218 -20.53 14.27 -6.72
C ILE B 218 -20.25 14.31 -8.23
N ALA B 219 -21.12 13.67 -9.03
CA ALA B 219 -20.96 13.65 -10.48
C ALA B 219 -21.01 15.08 -11.04
N SER B 220 -21.98 15.88 -10.56
CA SER B 220 -22.11 17.27 -10.99
C SER B 220 -20.80 18.07 -10.72
N CYS B 221 -20.22 17.91 -9.53
CA CYS B 221 -19.01 18.60 -9.11
C CYS B 221 -17.80 18.20 -9.95
N LEU B 222 -17.64 16.90 -10.21
CA LEU B 222 -16.55 16.39 -11.05
C LEU B 222 -16.71 16.83 -12.51
N GLU B 223 -17.96 17.00 -12.97
CA GLU B 223 -18.23 17.47 -14.33
C GLU B 223 -17.80 18.95 -14.46
N LYS B 224 -18.03 19.74 -13.41
CA LYS B 224 -17.62 21.16 -13.40
C LYS B 224 -16.09 21.30 -13.36
N ALA B 225 -15.40 20.37 -12.68
CA ALA B 225 -13.95 20.37 -12.59
C ALA B 225 -13.25 20.24 -13.96
N LEU B 226 -13.93 19.67 -14.96
CA LEU B 226 -13.35 19.49 -16.29
C LEU B 226 -13.04 20.85 -16.93
N GLN B 227 -13.93 21.82 -16.74
CA GLN B 227 -13.73 23.15 -17.34
C GLN B 227 -12.49 23.84 -16.75
N VAL B 228 -12.17 23.54 -15.48
CA VAL B 228 -11.00 24.06 -14.79
C VAL B 228 -9.72 23.67 -15.52
N PHE B 229 -9.67 22.46 -16.06
CA PHE B 229 -8.52 21.94 -16.81
C PHE B 229 -8.22 22.74 -18.07
N HIS B 230 -9.25 23.37 -18.67
CA HIS B 230 -9.04 24.13 -19.90
C HIS B 230 -8.05 25.29 -19.73
N GLN B 231 -7.91 25.82 -18.50
CA GLN B 231 -7.00 26.92 -18.17
C GLN B 231 -5.55 26.61 -18.43
N ILE B 232 -5.17 25.31 -18.50
CA ILE B 232 -3.78 24.92 -18.72
C ILE B 232 -3.23 25.51 -20.01
N HIS B 233 -4.04 25.56 -21.07
CA HIS B 233 -3.59 26.08 -22.37
C HIS B 233 -3.23 27.55 -22.37
N ASP B 234 -3.88 28.33 -21.48
CA ASP B 234 -3.65 29.76 -21.40
C ASP B 234 -2.41 30.14 -20.61
N HIS B 235 -1.93 29.25 -19.73
CA HIS B 235 -0.87 29.61 -18.80
C HIS B 235 0.38 28.77 -18.87
N VAL B 236 0.39 27.72 -19.71
CA VAL B 236 1.59 26.87 -19.80
C VAL B 236 1.93 26.70 -21.26
N ASN B 237 3.22 26.75 -21.62
CA ASN B 237 3.58 26.50 -22.99
C ASN B 237 4.41 25.24 -23.06
N PRO B 238 4.14 24.39 -24.07
CA PRO B 238 4.80 23.08 -24.13
C PRO B 238 6.33 23.09 -24.08
N LYS B 239 6.99 23.95 -24.87
CA LYS B 239 8.47 23.97 -24.90
C LYS B 239 9.10 24.18 -23.52
N ALA B 240 8.69 25.22 -22.81
CA ALA B 240 9.22 25.58 -21.49
C ALA B 240 8.87 24.52 -20.45
N PHE B 241 7.64 24.02 -20.50
CA PHE B 241 7.18 22.99 -19.57
C PHE B 241 8.04 21.74 -19.74
N PHE B 242 8.24 21.33 -20.99
CA PHE B 242 8.95 20.10 -21.29
C PHE B 242 10.42 20.22 -21.03
N SER B 243 11.08 21.23 -21.59
CA SER B 243 12.52 21.36 -21.46
C SER B 243 13.00 21.91 -20.11
N VAL B 244 12.15 22.66 -19.38
CA VAL B 244 12.59 23.24 -18.11
C VAL B 244 11.87 22.66 -16.85
N LEU B 245 10.58 22.92 -16.66
CA LEU B 245 9.89 22.49 -15.44
C LEU B 245 9.97 20.99 -15.17
N ARG B 246 9.85 20.17 -16.21
CA ARG B 246 9.91 18.71 -16.10
C ARG B 246 11.25 18.27 -15.51
N ILE B 247 12.34 18.94 -15.92
CA ILE B 247 13.70 18.66 -15.45
C ILE B 247 13.82 18.88 -13.95
N TYR B 248 13.28 20.00 -13.43
CA TYR B 248 13.40 20.37 -12.01
C TYR B 248 12.55 19.49 -11.10
N LEU B 249 11.45 18.93 -11.62
CA LEU B 249 10.61 18.07 -10.81
C LEU B 249 11.06 16.58 -10.87
N SER B 250 12.10 16.25 -11.69
CA SER B 250 12.58 14.87 -11.74
C SER B 250 13.20 14.45 -10.41
N GLY B 251 13.15 13.16 -10.12
CA GLY B 251 13.74 12.60 -8.92
C GLY B 251 14.94 11.73 -9.20
N TRP B 252 15.31 10.90 -8.25
CA TRP B 252 16.49 10.03 -8.39
C TRP B 252 16.13 8.60 -8.05
N LYS B 253 15.12 8.06 -8.71
CA LYS B 253 14.72 6.66 -8.55
C LYS B 253 14.66 6.09 -9.94
N GLY B 254 15.51 5.12 -10.23
CA GLY B 254 15.60 4.57 -11.58
C GLY B 254 16.01 5.61 -12.61
N ASN B 255 16.76 6.65 -12.16
CA ASN B 255 17.22 7.71 -13.03
C ASN B 255 18.68 7.46 -13.38
N PRO B 256 19.00 7.34 -14.68
CA PRO B 256 20.40 7.09 -15.08
C PRO B 256 21.36 8.20 -14.66
N GLN B 257 20.87 9.43 -14.46
CA GLN B 257 21.72 10.56 -14.07
C GLN B 257 22.19 10.46 -12.62
N LEU B 258 21.48 9.71 -11.76
CA LEU B 258 21.85 9.50 -10.36
C LEU B 258 21.49 8.04 -10.05
N SER B 259 22.13 7.12 -10.77
CA SER B 259 21.88 5.68 -10.75
C SER B 259 21.76 5.04 -9.36
N ASP B 260 22.44 5.59 -8.35
CA ASP B 260 22.35 5.02 -7.00
C ASP B 260 21.55 5.86 -5.99
N GLY B 261 21.03 6.98 -6.44
CA GLY B 261 20.29 7.88 -5.57
C GLY B 261 21.13 9.08 -5.20
N LEU B 262 20.69 9.81 -4.19
CA LEU B 262 21.36 11.00 -3.74
C LEU B 262 21.95 10.73 -2.37
N VAL B 263 23.16 11.24 -2.11
CA VAL B 263 23.74 11.09 -0.79
C VAL B 263 23.21 12.23 0.05
N TYR B 264 22.52 11.91 1.14
CA TYR B 264 22.02 12.91 2.07
C TYR B 264 23.08 12.98 3.18
N GLU B 265 24.15 13.73 2.89
CA GLU B 265 25.32 13.85 3.75
C GLU B 265 24.99 14.17 5.19
N GLY B 266 25.51 13.37 6.12
CA GLY B 266 25.29 13.57 7.54
C GLY B 266 24.03 12.94 8.10
N PHE B 267 23.17 12.37 7.23
CA PHE B 267 21.94 11.72 7.69
C PHE B 267 21.99 10.22 7.43
N TRP B 268 22.34 9.81 6.21
CA TRP B 268 22.48 8.40 5.84
C TRP B 268 23.83 8.29 5.14
N GLU B 269 24.53 7.16 5.33
CA GLU B 269 25.83 6.97 4.69
C GLU B 269 25.71 6.60 3.22
N ASP B 270 24.75 5.73 2.90
CA ASP B 270 24.51 5.24 1.54
C ASP B 270 23.54 6.14 0.77
N PRO B 271 23.71 6.26 -0.56
CA PRO B 271 22.77 7.09 -1.33
C PRO B 271 21.37 6.47 -1.36
N LYS B 272 20.34 7.31 -1.34
CA LYS B 272 18.94 6.83 -1.32
C LYS B 272 18.18 7.32 -2.55
N GLU B 273 17.36 6.43 -3.13
CA GLU B 273 16.55 6.73 -4.29
C GLU B 273 15.15 7.17 -3.89
N PHE B 274 14.67 8.30 -4.43
CA PHE B 274 13.31 8.79 -4.19
C PHE B 274 12.73 9.29 -5.52
N ALA B 275 11.46 8.94 -5.81
CA ALA B 275 10.81 9.36 -7.03
C ALA B 275 10.54 10.88 -7.00
N GLY B 276 10.53 11.52 -8.17
CA GLY B 276 10.29 12.95 -8.24
C GLY B 276 8.85 13.32 -8.00
N GLY B 277 8.59 14.63 -7.84
CA GLY B 277 7.23 15.18 -7.60
C GLY B 277 6.28 14.70 -8.67
N SER B 278 5.11 14.17 -8.28
CA SER B 278 4.19 13.59 -9.22
C SER B 278 2.76 13.67 -8.76
N ALA B 279 1.83 13.92 -9.69
CA ALA B 279 0.41 13.89 -9.36
C ALA B 279 -0.10 12.46 -9.04
N GLY B 280 0.74 11.44 -9.27
CA GLY B 280 0.48 10.09 -8.83
C GLY B 280 0.51 10.01 -7.30
N GLN B 281 1.11 11.03 -6.63
CA GLN B 281 1.15 11.25 -5.19
C GLN B 281 -0.12 11.98 -4.71
N SER B 282 -0.92 12.56 -5.60
CA SER B 282 -2.14 13.29 -5.24
C SER B 282 -3.25 12.37 -4.76
N SER B 283 -4.15 12.92 -3.94
CA SER B 283 -5.29 12.22 -3.38
C SER B 283 -6.61 12.60 -4.09
N VAL B 284 -6.61 13.67 -4.91
CA VAL B 284 -7.77 14.27 -5.54
C VAL B 284 -8.64 13.28 -6.33
N PHE B 285 -8.10 12.54 -7.30
CA PHE B 285 -8.91 11.58 -8.07
C PHE B 285 -8.91 10.21 -7.34
N GLN B 286 -7.80 9.87 -6.67
CA GLN B 286 -7.63 8.64 -5.90
C GLN B 286 -8.73 8.40 -4.84
N CYS B 287 -9.19 9.45 -4.13
CA CYS B 287 -10.27 9.26 -3.17
C CYS B 287 -11.60 8.89 -3.84
N PHE B 288 -11.81 9.29 -5.10
CA PHE B 288 -12.98 8.92 -5.87
C PHE B 288 -12.83 7.50 -6.42
N ASP B 289 -11.61 7.07 -6.77
CA ASP B 289 -11.36 5.69 -7.14
C ASP B 289 -11.68 4.78 -5.92
N VAL B 290 -11.26 5.20 -4.71
CA VAL B 290 -11.51 4.41 -3.51
C VAL B 290 -13.00 4.45 -3.18
N LEU B 291 -13.63 5.63 -3.20
CA LEU B 291 -15.07 5.76 -2.93
C LEU B 291 -15.92 4.89 -3.86
N LEU B 292 -15.64 4.90 -5.18
CA LEU B 292 -16.41 4.16 -6.17
C LEU B 292 -15.99 2.70 -6.41
N GLY B 293 -15.03 2.20 -5.65
CA GLY B 293 -14.56 0.83 -5.80
C GLY B 293 -13.81 0.54 -7.08
N ILE B 294 -13.20 1.57 -7.68
CA ILE B 294 -12.37 1.39 -8.86
C ILE B 294 -11.04 0.96 -8.28
N GLN B 295 -10.70 -0.31 -8.40
CA GLN B 295 -9.50 -0.84 -7.75
C GLN B 295 -8.24 -0.56 -8.56
N GLN B 296 -7.81 0.71 -8.56
CA GLN B 296 -6.61 1.14 -9.27
C GLN B 296 -5.32 0.46 -8.76
N THR B 297 -5.30 0.07 -7.50
CA THR B 297 -4.16 -0.57 -6.85
C THR B 297 -4.20 -2.12 -6.86
N ALA B 298 -5.18 -2.73 -7.54
CA ALA B 298 -5.26 -4.19 -7.64
C ALA B 298 -4.62 -4.71 -8.96
N GLY B 299 -4.35 -6.02 -9.05
CA GLY B 299 -3.92 -6.64 -10.31
C GLY B 299 -2.45 -6.91 -10.59
N GLY B 300 -1.56 -6.35 -9.77
CA GLY B 300 -0.12 -6.56 -9.90
C GLY B 300 0.65 -5.82 -10.97
N GLY B 301 -0.04 -5.00 -11.77
CA GLY B 301 0.64 -4.24 -12.81
C GLY B 301 1.48 -3.06 -12.35
N HIS B 302 2.12 -2.41 -13.32
CA HIS B 302 2.97 -1.27 -13.08
C HIS B 302 2.18 -0.07 -12.59
N ALA B 303 1.00 0.19 -13.18
CA ALA B 303 0.21 1.34 -12.77
C ALA B 303 -0.21 1.21 -11.31
N ALA B 304 -0.66 0.01 -10.92
CA ALA B 304 -1.10 -0.29 -9.57
C ALA B 304 0.08 -0.17 -8.61
N GLN B 305 1.25 -0.68 -9.00
CA GLN B 305 2.44 -0.61 -8.13
C GLN B 305 2.85 0.86 -7.92
N PHE B 306 2.85 1.66 -8.99
CA PHE B 306 3.23 3.06 -8.89
C PHE B 306 2.27 3.84 -8.00
N LEU B 307 0.93 3.62 -8.11
CA LEU B 307 -0.01 4.35 -7.27
C LEU B 307 0.14 3.96 -5.79
N GLN B 308 0.45 2.67 -5.51
CA GLN B 308 0.63 2.26 -4.12
CA GLN B 308 0.63 2.26 -4.12
C GLN B 308 1.91 2.88 -3.56
N ASP B 309 3.04 2.78 -4.31
CA ASP B 309 4.31 3.36 -3.88
C ASP B 309 4.17 4.87 -3.61
N MET B 310 3.44 5.60 -4.47
CA MET B 310 3.28 7.04 -4.32
C MET B 310 2.47 7.47 -3.09
N ARG B 311 1.79 6.52 -2.42
CA ARG B 311 1.09 6.83 -1.16
C ARG B 311 2.07 7.22 -0.04
N ARG B 312 3.31 6.71 -0.12
CA ARG B 312 4.34 7.05 0.86
C ARG B 312 4.79 8.53 0.71
N TYR B 313 4.58 9.13 -0.49
CA TYR B 313 4.92 10.51 -0.78
C TYR B 313 3.73 11.46 -0.60
N MET B 314 2.66 10.98 0.04
CA MET B 314 1.41 11.68 0.31
C MET B 314 1.39 12.01 1.80
N PRO B 315 0.83 13.15 2.23
CA PRO B 315 0.80 13.45 3.67
C PRO B 315 0.10 12.35 4.48
N PRO B 316 0.66 11.99 5.64
CA PRO B 316 0.04 10.94 6.47
C PRO B 316 -1.46 11.11 6.70
N ALA B 317 -1.97 12.33 6.97
CA ALA B 317 -3.41 12.56 7.19
C ALA B 317 -4.28 12.12 5.99
N HIS B 318 -3.73 12.33 4.78
CA HIS B 318 -4.38 12.04 3.51
C HIS B 318 -4.29 10.55 3.19
N ARG B 319 -3.17 9.92 3.51
CA ARG B 319 -3.01 8.48 3.42
C ARG B 319 -4.05 7.81 4.37
N ASN B 320 -4.25 8.39 5.56
CA ASN B 320 -5.22 7.92 6.56
C ASN B 320 -6.64 8.09 6.10
N PHE B 321 -6.92 9.19 5.38
CA PHE B 321 -8.26 9.40 4.84
C PHE B 321 -8.61 8.31 3.83
N LEU B 322 -7.66 7.98 2.91
CA LEU B 322 -7.84 6.93 1.90
C LEU B 322 -8.07 5.58 2.56
N CYS B 323 -7.27 5.22 3.56
CA CYS B 323 -7.40 3.97 4.29
C CYS B 323 -8.80 3.88 4.92
N SER B 324 -9.24 4.96 5.57
CA SER B 324 -10.56 4.97 6.19
C SER B 324 -11.69 4.82 5.15
N LEU B 325 -11.53 5.38 3.93
CA LEU B 325 -12.54 5.18 2.88
C LEU B 325 -12.57 3.69 2.50
N GLU B 326 -11.38 3.06 2.38
CA GLU B 326 -11.22 1.64 2.06
C GLU B 326 -11.84 0.75 3.14
N SER B 327 -11.78 1.17 4.41
CA SER B 327 -12.32 0.43 5.55
C SER B 327 -13.85 0.44 5.63
N ASN B 328 -14.47 1.46 5.03
CA ASN B 328 -15.92 1.61 5.05
C ASN B 328 -16.59 0.65 4.06
N PRO B 329 -17.89 0.34 4.22
CA PRO B 329 -18.55 -0.57 3.26
C PRO B 329 -18.51 -0.01 1.84
N SER B 330 -18.47 -0.90 0.84
CA SER B 330 -18.38 -0.54 -0.56
C SER B 330 -19.65 0.13 -1.13
N VAL B 331 -19.45 1.29 -1.77
CA VAL B 331 -20.52 2.01 -2.46
C VAL B 331 -20.94 1.23 -3.72
N ARG B 332 -19.97 0.67 -4.47
CA ARG B 332 -20.27 -0.10 -5.67
C ARG B 332 -21.09 -1.34 -5.30
N GLU B 333 -20.68 -2.07 -4.25
CA GLU B 333 -21.38 -3.27 -3.83
C GLU B 333 -22.82 -2.95 -3.41
N PHE B 334 -23.01 -1.81 -2.75
CA PHE B 334 -24.34 -1.40 -2.31
C PHE B 334 -25.21 -1.11 -3.51
N VAL B 335 -24.69 -0.39 -4.48
CA VAL B 335 -25.42 -0.04 -5.68
C VAL B 335 -25.77 -1.29 -6.51
N LEU B 336 -24.85 -2.26 -6.60
CA LEU B 336 -25.06 -3.49 -7.34
C LEU B 336 -26.04 -4.46 -6.67
N SER B 337 -26.21 -4.35 -5.37
CA SER B 337 -27.07 -5.24 -4.62
C SER B 337 -28.53 -4.81 -4.53
N LYS B 338 -28.91 -3.67 -5.13
N LYS B 338 -28.91 -3.67 -5.13
CA LYS B 338 -30.27 -3.16 -4.99
CA LYS B 338 -30.27 -3.15 -4.99
C LYS B 338 -31.20 -3.33 -6.19
C LYS B 338 -31.19 -3.34 -6.19
N GLY B 339 -30.65 -3.64 -7.37
CA GLY B 339 -31.47 -3.80 -8.58
C GLY B 339 -32.22 -2.53 -8.91
N ASP B 340 -31.51 -1.40 -8.86
CA ASP B 340 -32.09 -0.07 -8.99
C ASP B 340 -31.39 0.69 -10.09
N ALA B 341 -32.01 0.83 -11.26
CA ALA B 341 -31.44 1.56 -12.39
C ALA B 341 -31.05 3.03 -12.09
N GLY B 342 -31.87 3.75 -11.31
CA GLY B 342 -31.58 5.14 -10.97
C GLY B 342 -30.30 5.27 -10.15
N LEU B 343 -30.10 4.35 -9.21
CA LEU B 343 -28.92 4.33 -8.36
C LEU B 343 -27.69 3.97 -9.19
N ARG B 344 -27.82 2.98 -10.10
CA ARG B 344 -26.73 2.59 -10.98
C ARG B 344 -26.36 3.73 -11.92
N GLU B 345 -27.36 4.49 -12.41
CA GLU B 345 -27.10 5.63 -13.30
C GLU B 345 -26.36 6.75 -12.54
N ALA B 346 -26.70 6.97 -11.27
CA ALA B 346 -26.06 8.01 -10.45
C ALA B 346 -24.59 7.62 -10.19
N TYR B 347 -24.35 6.34 -9.92
CA TYR B 347 -23.02 5.80 -9.68
C TYR B 347 -22.20 5.94 -10.98
N ASP B 348 -22.79 5.54 -12.11
CA ASP B 348 -22.14 5.65 -13.41
C ASP B 348 -21.86 7.08 -13.84
N ALA B 349 -22.65 8.04 -13.33
CA ALA B 349 -22.42 9.44 -13.66
C ALA B 349 -21.09 9.91 -13.01
N CYS B 350 -20.76 9.38 -11.80
CA CYS B 350 -19.52 9.72 -11.13
C CYS B 350 -18.36 9.10 -11.89
N VAL B 351 -18.49 7.83 -12.28
CA VAL B 351 -17.44 7.11 -13.01
C VAL B 351 -17.18 7.79 -14.35
N LYS B 352 -18.26 8.17 -15.05
CA LYS B 352 -18.13 8.87 -16.34
C LYS B 352 -17.39 10.20 -16.18
N ALA B 353 -17.69 10.95 -15.12
CA ALA B 353 -17.02 12.24 -14.88
C ALA B 353 -15.53 12.05 -14.69
N LEU B 354 -15.10 10.96 -14.02
CA LEU B 354 -13.70 10.66 -13.80
C LEU B 354 -13.05 10.30 -15.11
N VAL B 355 -13.74 9.49 -15.97
CA VAL B 355 -13.23 9.10 -17.28
C VAL B 355 -13.04 10.37 -18.12
N SER B 356 -13.98 11.31 -18.07
CA SER B 356 -13.88 12.56 -18.86
C SER B 356 -12.67 13.43 -18.42
N LEU B 357 -12.41 13.48 -17.11
CA LEU B 357 -11.28 14.22 -16.58
C LEU B 357 -9.98 13.55 -17.06
N ARG B 358 -9.88 12.22 -16.91
CA ARG B 358 -8.69 11.53 -17.34
C ARG B 358 -8.48 11.58 -18.85
N SER B 359 -9.56 11.57 -19.65
CA SER B 359 -9.44 11.65 -21.11
C SER B 359 -8.92 13.05 -21.52
N TYR B 360 -9.46 14.11 -20.92
CA TYR B 360 -8.99 15.46 -21.22
C TYR B 360 -7.50 15.60 -20.81
N HIS B 361 -7.15 15.05 -19.64
CA HIS B 361 -5.80 15.07 -19.13
C HIS B 361 -4.84 14.35 -20.09
N LEU B 362 -5.26 13.25 -20.68
CA LEU B 362 -4.42 12.54 -21.65
C LEU B 362 -4.18 13.40 -22.91
N GLN B 363 -5.15 14.23 -23.30
CA GLN B 363 -4.95 15.12 -24.45
C GLN B 363 -3.94 16.20 -24.11
N ILE B 364 -3.96 16.70 -22.84
CA ILE B 364 -2.98 17.68 -22.38
C ILE B 364 -1.60 17.06 -22.45
N VAL B 365 -1.44 15.83 -21.99
CA VAL B 365 -0.14 15.15 -21.98
C VAL B 365 0.42 14.92 -23.39
N THR B 366 -0.43 14.64 -24.37
CA THR B 366 0.01 14.50 -25.77
C THR B 366 0.61 15.87 -26.25
N LYS B 367 -0.09 16.99 -25.96
CA LYS B 367 0.40 18.31 -26.33
C LYS B 367 1.66 18.76 -25.52
N TYR B 368 1.69 18.54 -24.18
CA TYR B 368 2.74 19.05 -23.33
C TYR B 368 3.95 18.14 -23.18
N ILE B 369 3.82 16.84 -23.46
CA ILE B 369 4.93 15.92 -23.33
C ILE B 369 5.25 15.19 -24.64
N LEU B 370 4.26 14.48 -25.21
CA LEU B 370 4.48 13.66 -26.39
C LEU B 370 5.04 14.42 -27.61
N ILE B 371 4.36 15.50 -27.98
CA ILE B 371 4.76 16.27 -29.15
C ILE B 371 6.14 16.97 -28.90
N PRO B 372 6.37 17.69 -27.77
CA PRO B 372 7.70 18.26 -27.52
C PRO B 372 8.83 17.23 -27.49
N ALA B 373 8.59 16.01 -26.94
CA ALA B 373 9.60 14.96 -26.95
C ALA B 373 10.00 14.57 -28.39
N SER B 374 9.04 14.65 -29.32
CA SER B 374 9.29 14.30 -30.73
C SER B 374 10.13 15.38 -31.44
N GLN B 375 10.04 16.63 -30.99
CA GLN B 375 10.77 17.74 -31.60
C GLN B 375 12.09 18.06 -30.91
N GLN B 376 12.60 17.19 -30.02
CA GLN B 376 13.85 17.51 -29.32
C GLN B 376 15.08 16.91 -29.99
N GLY B 395 9.61 8.27 -25.92
CA GLY B 395 9.56 9.64 -25.44
C GLY B 395 8.20 10.00 -24.86
N GLY B 396 7.92 9.51 -23.65
CA GLY B 396 6.64 9.73 -22.98
C GLY B 396 5.63 8.60 -23.17
N THR B 397 5.96 7.59 -23.98
CA THR B 397 5.13 6.43 -24.24
C THR B 397 4.78 5.67 -22.92
N ASP B 398 5.74 5.53 -22.01
CA ASP B 398 5.50 4.85 -20.73
C ASP B 398 4.55 5.66 -19.83
N LEU B 399 4.65 7.01 -19.89
CA LEU B 399 3.79 7.93 -19.13
C LEU B 399 2.37 7.83 -19.67
N MET B 400 2.23 7.81 -20.99
CA MET B 400 0.93 7.70 -21.65
C MET B 400 0.30 6.34 -21.32
N ASN B 401 1.11 5.27 -21.29
CA ASN B 401 0.58 3.94 -20.99
C ASN B 401 0.10 3.87 -19.55
N PHE B 402 0.80 4.55 -18.61
CA PHE B 402 0.36 4.58 -17.21
C PHE B 402 -1.02 5.25 -17.12
N LEU B 403 -1.16 6.43 -17.72
CA LEU B 403 -2.41 7.19 -17.73
C LEU B 403 -3.53 6.44 -18.43
N LYS B 404 -3.19 5.71 -19.49
CA LYS B 404 -4.16 4.94 -20.24
C LYS B 404 -4.68 3.77 -19.44
N THR B 405 -3.81 3.11 -18.65
CA THR B 405 -4.23 2.01 -17.81
C THR B 405 -5.20 2.50 -16.71
N VAL B 406 -4.88 3.64 -16.09
CA VAL B 406 -5.72 4.23 -15.05
C VAL B 406 -7.08 4.63 -15.64
N ARG B 407 -7.06 5.24 -16.83
CA ARG B 407 -8.29 5.62 -17.52
C ARG B 407 -9.13 4.36 -17.89
N SER B 408 -8.48 3.35 -18.48
CA SER B 408 -9.08 2.07 -18.85
C SER B 408 -9.77 1.42 -17.63
N THR B 409 -9.05 1.32 -16.48
CA THR B 409 -9.58 0.75 -15.25
C THR B 409 -10.84 1.49 -14.78
N THR B 410 -10.83 2.81 -14.94
CA THR B 410 -11.97 3.66 -14.60
C THR B 410 -13.15 3.31 -15.52
N GLU B 411 -12.93 3.29 -16.84
CA GLU B 411 -14.01 2.97 -17.78
C GLU B 411 -14.62 1.56 -17.53
N LYS B 412 -13.78 0.55 -17.29
CA LYS B 412 -14.24 -0.80 -17.01
C LYS B 412 -15.09 -0.92 -15.75
N SER B 413 -15.14 0.12 -14.91
CA SER B 413 -15.97 0.15 -13.71
C SER B 413 -17.40 0.61 -14.01
N LEU B 414 -17.72 1.03 -15.24
CA LEU B 414 -19.10 1.41 -15.56
C LEU B 414 -20.02 0.18 -15.41
N LEU B 415 -21.17 0.38 -14.79
CA LEU B 415 -22.12 -0.70 -14.55
C LEU B 415 -22.95 -1.00 -15.79
N LYS B 416 -23.22 0.03 -16.61
CA LYS B 416 -23.99 -0.13 -17.84
C LYS B 416 -23.20 0.34 -19.06
#